data_4JGA
#
_entry.id   4JGA
#
_cell.length_a   73.170
_cell.length_b   62.740
_cell.length_c   95.430
_cell.angle_alpha   90.000
_cell.angle_beta   112.080
_cell.angle_gamma   90.000
#
_symmetry.space_group_name_H-M   'P 1 21 1'
#
loop_
_entity.id
_entity.type
_entity.pdbx_description
1 polymer '3-oxoacyl-[acyl-carrier-protein] synthase 2'
2 non-polymer 'POTASSIUM ION'
3 non-polymer 1,2-ETHANEDIOL
4 non-polymer 'SODIUM ION'
5 water water
#
_entity_poly.entity_id   1
_entity_poly.type   'polypeptide(L)'
_entity_poly.pdbx_seq_one_letter_code
;MAHHHHHHMSNQRVNKRVVITGLGLVTPVGLNVNSSWKNIVDGVSGIKTITEFDTSKLACKIAGLIDNSEKDGFKLENFT
QADDINRLSKMDKFIHYGVAAATEAVEDSGWLPDDEKSRDRTGLILGSGIGGLKMIEDTSIKLYQENNGKVSPFFIPASL
INLLSGLVSIKYGFSGPNQTAVTACSTGAHAIGDAMRMIKHGYADVMIAGGAEAPVTPVGVAGFVAARALCTKYNDNPKK
ASRPWDKDRSGFVMGEGAGVVVLEEYEHALNRGAKVYGEVIGYGSTGDAYHMTAPHPEGRGAYRAMRDAMLDATITPDMI
DYINAHGTSTTLGDGIELAAVQKLFLEANPKVLMSSTKSSIGHLLGAAGSVEFIFSALAIRDQIAPPTLNLDTPMDEVNI
DLVALKAKKTKIDYVLSNSFGFGGTNASLVIKSILVK
;
_entity_poly.pdbx_strand_id   A,B
#
loop_
_chem_comp.id
_chem_comp.type
_chem_comp.name
_chem_comp.formula
EDO non-polymer 1,2-ETHANEDIOL 'C2 H6 O2'
K non-polymer 'POTASSIUM ION' 'K 1'
NA non-polymer 'SODIUM ION' 'Na 1'
#
# COMPACT_ATOMS: atom_id res chain seq x y z
N ASN A 15 0.19 -17.82 19.31
CA ASN A 15 0.12 -17.66 17.83
C ASN A 15 -1.09 -18.41 17.40
N LYS A 16 -1.97 -17.74 16.69
CA LYS A 16 -3.21 -18.35 16.24
C LYS A 16 -2.95 -18.96 14.90
N ARG A 17 -3.65 -20.07 14.64
CA ARG A 17 -3.63 -20.69 13.34
C ARG A 17 -4.62 -19.98 12.42
N VAL A 18 -4.28 -19.90 11.13
CA VAL A 18 -5.04 -19.13 10.17
C VAL A 18 -5.47 -19.98 8.96
N VAL A 19 -6.77 -20.02 8.72
CA VAL A 19 -7.33 -20.84 7.67
C VAL A 19 -8.04 -19.97 6.64
N ILE A 20 -8.24 -20.56 5.48
CA ILE A 20 -8.87 -19.93 4.33
C ILE A 20 -10.33 -20.43 4.29
N THR A 21 -11.29 -19.50 4.42
CA THR A 21 -12.69 -19.86 4.48
C THR A 21 -13.54 -19.27 3.35
N GLY A 22 -12.95 -18.53 2.42
CA GLY A 22 -13.70 -17.98 1.27
C GLY A 22 -12.80 -17.61 0.11
N LEU A 23 -13.28 -17.84 -1.12
CA LEU A 23 -12.53 -17.54 -2.35
C LEU A 23 -13.38 -16.71 -3.30
N GLY A 24 -12.71 -15.76 -3.96
CA GLY A 24 -13.34 -14.87 -4.96
C GLY A 24 -12.40 -14.57 -6.11
N LEU A 25 -12.92 -14.66 -7.34
CA LEU A 25 -12.10 -14.45 -8.54
C LEU A 25 -12.83 -13.73 -9.65
N VAL A 26 -12.14 -12.77 -10.26
CA VAL A 26 -12.49 -12.21 -11.56
C VAL A 26 -11.24 -12.27 -12.42
N THR A 27 -11.27 -13.11 -13.44
CA THR A 27 -10.07 -13.35 -14.25
C THR A 27 -10.38 -13.38 -15.75
N PRO A 28 -9.35 -13.31 -16.58
CA PRO A 28 -9.54 -13.39 -18.01
C PRO A 28 -10.14 -14.75 -18.50
N VAL A 29 -10.25 -15.75 -17.63
CA VAL A 29 -10.96 -16.98 -18.01
C VAL A 29 -12.18 -17.27 -17.14
N GLY A 30 -12.74 -16.27 -16.47
CA GLY A 30 -13.98 -16.49 -15.73
C GLY A 30 -14.34 -15.36 -14.77
N LEU A 31 -15.64 -15.16 -14.56
CA LEU A 31 -16.16 -14.07 -13.71
C LEU A 31 -16.36 -14.49 -12.26
N ASN A 32 -16.08 -15.75 -11.95
CA ASN A 32 -16.12 -16.27 -10.60
C ASN A 32 -15.13 -17.41 -10.45
N VAL A 33 -15.07 -17.99 -9.27
CA VAL A 33 -14.09 -19.04 -9.00
C VAL A 33 -14.35 -20.28 -9.86
N ASN A 34 -15.60 -20.70 -9.98
CA ASN A 34 -15.89 -22.00 -10.61
C ASN A 34 -15.59 -21.97 -12.08
N SER A 35 -15.99 -20.93 -12.77
CA SER A 35 -15.73 -20.84 -14.19
C SER A 35 -14.22 -20.64 -14.43
N SER A 36 -13.56 -19.77 -13.64
CA SER A 36 -12.12 -19.54 -13.82
C SER A 36 -11.33 -20.85 -13.66
N TRP A 37 -11.63 -21.61 -12.60
CA TRP A 37 -10.85 -22.80 -12.24
C TRP A 37 -11.10 -23.91 -13.25
N LYS A 38 -12.35 -24.11 -13.68
CA LYS A 38 -12.60 -25.07 -14.76
C LYS A 38 -11.75 -24.74 -15.99
N ASN A 39 -11.75 -23.47 -16.39
CA ASN A 39 -10.97 -23.08 -17.58
C ASN A 39 -9.46 -23.21 -17.43
N ILE A 40 -8.95 -22.88 -16.24
CA ILE A 40 -7.53 -23.09 -15.95
C ILE A 40 -7.17 -24.56 -16.11
N VAL A 41 -7.91 -25.41 -15.42
CA VAL A 41 -7.62 -26.85 -15.46
C VAL A 41 -7.75 -27.40 -16.88
N ASP A 42 -8.73 -26.90 -17.63
CA ASP A 42 -8.99 -27.41 -18.97
C ASP A 42 -8.01 -26.87 -20.01
N GLY A 43 -7.10 -26.00 -19.62
CA GLY A 43 -6.09 -25.54 -20.54
C GLY A 43 -6.59 -24.43 -21.44
N VAL A 44 -7.61 -23.69 -21.01
CA VAL A 44 -8.14 -22.55 -21.75
C VAL A 44 -7.29 -21.31 -21.47
N SER A 45 -7.08 -20.50 -22.48
CA SER A 45 -6.32 -19.25 -22.38
C SER A 45 -7.29 -18.10 -22.37
N GLY A 46 -7.01 -17.06 -21.58
CA GLY A 46 -7.80 -15.84 -21.63
C GLY A 46 -7.13 -14.63 -22.26
N ILE A 47 -6.09 -14.85 -23.05
CA ILE A 47 -5.35 -13.78 -23.66
C ILE A 47 -5.97 -13.49 -25.01
N LYS A 48 -6.25 -12.20 -25.27
CA LYS A 48 -6.89 -11.77 -26.54
C LYS A 48 -6.39 -10.39 -27.01
N THR A 49 -6.83 -10.05 -28.23
CA THR A 49 -6.56 -8.78 -28.83
C THR A 49 -7.26 -7.67 -28.03
N ILE A 50 -6.53 -6.61 -27.75
CA ILE A 50 -7.08 -5.43 -27.13
C ILE A 50 -7.96 -4.74 -28.15
N THR A 51 -9.19 -4.45 -27.75
CA THR A 51 -10.12 -3.72 -28.62
C THR A 51 -10.68 -2.41 -28.02
N GLU A 52 -10.63 -2.21 -26.71
CA GLU A 52 -11.28 -1.04 -26.08
C GLU A 52 -10.59 0.28 -26.42
N PHE A 53 -9.36 0.25 -26.92
CA PHE A 53 -8.69 1.48 -27.31
C PHE A 53 -7.74 1.19 -28.45
N ASP A 54 -7.28 2.26 -29.08
CA ASP A 54 -6.48 2.18 -30.28
C ASP A 54 -5.06 1.72 -29.98
N THR A 55 -4.66 0.59 -30.54
CA THR A 55 -3.34 0.04 -30.30
C THR A 55 -2.45 0.12 -31.53
N SER A 56 -2.87 0.85 -32.55
CA SER A 56 -2.10 0.91 -33.78
C SER A 56 -0.66 1.39 -33.57
N LYS A 57 -0.39 2.22 -32.53
CA LYS A 57 0.99 2.69 -32.25
C LYS A 57 1.66 1.91 -31.11
N LEU A 58 1.01 0.89 -30.58
CA LEU A 58 1.59 0.10 -29.50
C LEU A 58 2.16 -1.21 -30.01
N ALA A 59 3.38 -1.51 -29.60
CA ALA A 59 4.08 -2.71 -30.06
C ALA A 59 3.49 -3.98 -29.48
N CYS A 60 2.85 -3.88 -28.31
CA CYS A 60 2.09 -5.01 -27.74
C CYS A 60 0.60 -4.73 -27.86
N LYS A 61 -0.14 -5.66 -28.44
CA LYS A 61 -1.52 -5.42 -28.84
C LYS A 61 -2.47 -6.41 -28.17
N ILE A 62 -1.99 -7.13 -27.17
CA ILE A 62 -2.76 -8.24 -26.57
C ILE A 62 -2.73 -8.13 -25.05
N ALA A 63 -3.66 -8.82 -24.41
CA ALA A 63 -3.74 -8.83 -22.97
C ALA A 63 -4.70 -9.90 -22.50
N GLY A 64 -4.54 -10.27 -21.23
CA GLY A 64 -5.53 -11.06 -20.49
C GLY A 64 -6.65 -10.15 -20.03
N LEU A 65 -7.80 -10.30 -20.67
CA LEU A 65 -8.89 -9.38 -20.48
C LEU A 65 -10.16 -10.06 -19.98
N ILE A 66 -10.83 -9.35 -19.09
CA ILE A 66 -12.10 -9.78 -18.53
C ILE A 66 -13.12 -9.71 -19.67
N ASP A 67 -13.94 -10.75 -19.81
CA ASP A 67 -15.03 -10.73 -20.77
C ASP A 67 -15.92 -9.48 -20.54
N ASN A 68 -16.18 -8.70 -21.57
CA ASN A 68 -17.12 -7.60 -21.44
C ASN A 68 -18.20 -7.63 -22.55
N SER A 69 -18.56 -8.81 -23.01
CA SER A 69 -19.67 -8.92 -23.94
C SER A 69 -21.00 -8.50 -23.28
N GLU A 70 -21.95 -8.07 -24.13
CA GLU A 70 -23.30 -7.67 -23.69
C GLU A 70 -23.97 -8.76 -22.86
N LYS A 71 -23.97 -9.99 -23.38
CA LYS A 71 -24.68 -11.11 -22.75
C LYS A 71 -23.94 -11.69 -21.54
N ASP A 72 -22.72 -12.21 -21.73
CA ASP A 72 -22.06 -12.96 -20.64
C ASP A 72 -21.04 -12.14 -19.86
N GLY A 73 -20.89 -10.85 -20.18
CA GLY A 73 -19.78 -10.07 -19.67
C GLY A 73 -19.89 -9.60 -18.24
N PHE A 74 -18.78 -9.05 -17.77
CA PHE A 74 -18.70 -8.50 -16.44
C PHE A 74 -19.66 -7.34 -16.25
N LYS A 75 -20.46 -7.35 -15.18
CA LYS A 75 -21.42 -6.28 -14.92
C LYS A 75 -21.53 -6.06 -13.43
N LEU A 76 -21.60 -4.78 -13.05
CA LEU A 76 -21.72 -4.40 -11.66
C LEU A 76 -22.96 -5.02 -11.02
N GLU A 77 -24.01 -5.09 -11.82
CA GLU A 77 -25.32 -5.58 -11.45
C GLU A 77 -25.28 -7.02 -10.94
N ASN A 78 -24.33 -7.79 -11.44
CA ASN A 78 -24.16 -9.18 -11.01
C ASN A 78 -23.81 -9.36 -9.54
N PHE A 79 -23.29 -8.31 -8.90
CA PHE A 79 -22.85 -8.43 -7.51
C PHE A 79 -23.14 -7.22 -6.65
N THR A 80 -23.89 -6.26 -7.19
CA THR A 80 -24.13 -4.99 -6.52
C THR A 80 -25.63 -4.70 -6.57
N GLN A 81 -26.17 -4.45 -5.39
CA GLN A 81 -27.54 -4.05 -5.18
C GLN A 81 -27.83 -2.80 -6.03
N ALA A 82 -29.03 -2.73 -6.60
CA ALA A 82 -29.45 -1.57 -7.43
C ALA A 82 -29.08 -0.19 -6.86
N ASP A 83 -29.32 0.05 -5.58
CA ASP A 83 -29.05 1.37 -4.97
C ASP A 83 -27.56 1.75 -4.91
N ASP A 84 -26.67 0.77 -4.92
CA ASP A 84 -25.24 1.02 -4.83
C ASP A 84 -24.51 1.07 -6.17
N ILE A 85 -25.18 0.80 -7.28
CA ILE A 85 -24.53 0.71 -8.58
C ILE A 85 -23.95 2.06 -9.01
N ASN A 86 -24.72 3.11 -8.86
CA ASN A 86 -24.29 4.44 -9.29
C ASN A 86 -22.93 4.86 -8.69
N ARG A 87 -22.81 4.80 -7.36
CA ARG A 87 -21.56 5.15 -6.71
C ARG A 87 -20.38 4.27 -7.16
N LEU A 88 -20.62 2.96 -7.26
CA LEU A 88 -19.56 2.04 -7.60
C LEU A 88 -19.09 2.33 -9.02
N SER A 89 -20.02 2.74 -9.89
CA SER A 89 -19.69 2.95 -11.31
C SER A 89 -18.74 4.16 -11.51
N LYS A 90 -18.65 5.05 -10.53
CA LYS A 90 -17.74 6.20 -10.57
C LYS A 90 -16.30 5.83 -10.26
N MET A 91 -16.11 4.67 -9.62
CA MET A 91 -14.79 4.20 -9.20
C MET A 91 -14.02 3.61 -10.36
N ASP A 92 -12.70 3.56 -10.25
CA ASP A 92 -11.86 2.90 -11.22
C ASP A 92 -12.23 1.39 -11.28
N LYS A 93 -12.05 0.81 -12.46
CA LYS A 93 -12.29 -0.61 -12.67
C LYS A 93 -11.53 -1.53 -11.74
N PHE A 94 -10.32 -1.16 -11.28
CA PHE A 94 -9.64 -2.02 -10.30
C PHE A 94 -10.53 -2.21 -9.10
N ILE A 95 -11.28 -1.18 -8.73
CA ILE A 95 -12.20 -1.27 -7.60
C ILE A 95 -13.44 -2.14 -7.96
N HIS A 96 -13.92 -2.03 -9.19
CA HIS A 96 -15.04 -2.86 -9.63
C HIS A 96 -14.63 -4.34 -9.52
N TYR A 97 -13.47 -4.68 -10.04
CA TYR A 97 -13.02 -6.06 -10.02
C TYR A 97 -12.80 -6.54 -8.58
N GLY A 98 -12.18 -5.69 -7.77
CA GLY A 98 -11.88 -5.98 -6.35
C GLY A 98 -13.17 -6.22 -5.55
N VAL A 99 -14.13 -5.36 -5.72
CA VAL A 99 -15.39 -5.48 -4.99
C VAL A 99 -16.13 -6.75 -5.43
N ALA A 100 -16.07 -7.05 -6.72
CA ALA A 100 -16.69 -8.26 -7.21
C ALA A 100 -16.03 -9.52 -6.61
N ALA A 101 -14.71 -9.59 -6.63
CA ALA A 101 -14.02 -10.75 -6.06
C ALA A 101 -14.27 -10.86 -4.52
N ALA A 102 -14.27 -9.74 -3.83
CA ALA A 102 -14.47 -9.75 -2.39
C ALA A 102 -15.90 -10.17 -2.05
N THR A 103 -16.85 -9.73 -2.87
CA THR A 103 -18.25 -10.08 -2.66
C THR A 103 -18.41 -11.61 -2.78
N GLU A 104 -17.84 -12.18 -3.83
CA GLU A 104 -17.84 -13.62 -3.97
C GLU A 104 -17.16 -14.33 -2.74
N ALA A 105 -15.98 -13.86 -2.33
CA ALA A 105 -15.28 -14.46 -1.21
C ALA A 105 -16.08 -14.37 0.09
N VAL A 106 -16.61 -13.19 0.39
CA VAL A 106 -17.36 -13.01 1.60
C VAL A 106 -18.60 -13.92 1.60
N GLU A 107 -19.36 -13.92 0.52
CA GLU A 107 -20.53 -14.80 0.41
C GLU A 107 -20.14 -16.27 0.48
N ASP A 108 -19.02 -16.66 -0.14
CA ASP A 108 -18.56 -18.02 -0.08
C ASP A 108 -18.27 -18.43 1.39
N SER A 109 -17.67 -17.51 2.15
CA SER A 109 -17.31 -17.81 3.53
C SER A 109 -18.48 -17.84 4.49
N GLY A 110 -19.60 -17.25 4.12
CA GLY A 110 -20.74 -17.15 5.01
C GLY A 110 -20.55 -16.15 6.15
N TRP A 111 -19.45 -15.38 6.12
CA TRP A 111 -19.20 -14.46 7.20
C TRP A 111 -19.86 -13.14 6.91
N LEU A 112 -21.06 -12.97 7.43
CA LEU A 112 -21.86 -11.76 7.24
C LEU A 112 -22.36 -11.29 8.61
N PRO A 113 -21.44 -11.02 9.54
CA PRO A 113 -21.82 -10.64 10.88
C PRO A 113 -22.70 -9.39 10.94
N ASP A 114 -23.70 -9.42 11.79
CA ASP A 114 -24.54 -8.25 12.06
C ASP A 114 -24.14 -7.51 13.34
N ASP A 115 -23.34 -8.17 14.15
CA ASP A 115 -23.09 -7.68 15.50
C ASP A 115 -21.77 -6.90 15.56
N GLU A 116 -21.74 -5.95 16.48
CA GLU A 116 -20.66 -5.01 16.59
C GLU A 116 -19.30 -5.69 16.90
N LYS A 117 -19.23 -6.58 17.88
CA LYS A 117 -17.95 -7.21 18.22
C LYS A 117 -17.31 -7.92 17.04
N SER A 118 -18.12 -8.67 16.29
CA SER A 118 -17.66 -9.45 15.16
C SER A 118 -17.22 -8.54 14.02
N ARG A 119 -17.96 -7.45 13.79
CA ARG A 119 -17.61 -6.49 12.73
C ARG A 119 -16.28 -5.80 13.04
N ASP A 120 -16.09 -5.45 14.31
CA ASP A 120 -14.87 -4.82 14.81
C ASP A 120 -13.65 -5.73 14.75
N ARG A 121 -13.87 -7.04 14.73
CA ARG A 121 -12.78 -8.03 14.62
C ARG A 121 -12.54 -8.51 13.18
N THR A 122 -13.20 -7.85 12.23
CA THR A 122 -13.06 -8.15 10.83
C THR A 122 -12.35 -7.00 10.14
N GLY A 123 -11.18 -7.29 9.58
CA GLY A 123 -10.38 -6.31 8.91
C GLY A 123 -10.20 -6.66 7.44
N LEU A 124 -9.49 -5.78 6.74
CA LEU A 124 -9.22 -5.93 5.32
C LEU A 124 -7.76 -5.48 4.99
N ILE A 125 -7.14 -6.22 4.06
CA ILE A 125 -5.91 -5.82 3.40
C ILE A 125 -6.07 -6.16 1.93
N LEU A 126 -6.51 -5.14 1.20
CA LEU A 126 -6.82 -5.25 -0.20
C LEU A 126 -5.95 -4.21 -0.94
N GLY A 127 -5.25 -4.69 -1.97
CA GLY A 127 -4.29 -3.83 -2.66
C GLY A 127 -4.41 -3.86 -4.17
N SER A 128 -3.54 -3.05 -4.77
CA SER A 128 -3.31 -2.98 -6.20
C SER A 128 -1.86 -2.54 -6.42
N GLY A 129 -1.27 -2.91 -7.54
CA GLY A 129 0.11 -2.50 -7.82
C GLY A 129 0.17 -1.07 -8.31
N ILE A 130 -0.74 -0.76 -9.25
CA ILE A 130 -0.83 0.56 -9.86
C ILE A 130 -2.12 1.25 -9.50
N GLY A 131 -3.19 0.53 -9.24
CA GLY A 131 -4.41 1.18 -8.80
C GLY A 131 -5.19 1.85 -9.94
N GLY A 132 -5.58 3.12 -9.73
CA GLY A 132 -6.57 3.77 -10.58
C GLY A 132 -5.97 4.45 -11.79
N LEU A 133 -5.24 3.67 -12.55
CA LEU A 133 -4.45 4.18 -13.67
C LEU A 133 -5.31 4.81 -14.75
N LYS A 134 -6.37 4.11 -15.17
CA LYS A 134 -7.29 4.63 -16.16
C LYS A 134 -7.99 5.93 -15.64
N MET A 135 -8.38 5.92 -14.38
CA MET A 135 -9.07 7.05 -13.78
C MET A 135 -8.18 8.30 -13.81
N ILE A 136 -6.91 8.13 -13.44
CA ILE A 136 -5.97 9.25 -13.42
CA ILE A 136 -5.98 9.26 -13.42
C ILE A 136 -5.65 9.69 -14.85
N GLU A 137 -5.39 8.73 -15.72
CA GLU A 137 -5.06 8.99 -17.12
C GLU A 137 -6.20 9.74 -17.79
N ASP A 138 -7.39 9.18 -17.73
CA ASP A 138 -8.57 9.81 -18.35
C ASP A 138 -8.86 11.18 -17.76
N THR A 139 -8.76 11.29 -16.45
CA THR A 139 -9.19 12.51 -15.78
C THR A 139 -8.18 13.62 -16.09
N SER A 140 -6.90 13.26 -16.15
CA SER A 140 -5.83 14.20 -16.47
C SER A 140 -5.97 14.73 -17.89
N ILE A 141 -6.27 13.86 -18.82
CA ILE A 141 -6.40 14.26 -20.21
C ILE A 141 -7.61 15.15 -20.39
N LYS A 142 -8.71 14.74 -19.79
CA LYS A 142 -9.94 15.48 -19.89
C LYS A 142 -9.81 16.89 -19.23
N LEU A 143 -9.17 16.99 -18.07
CA LEU A 143 -8.89 18.31 -17.46
C LEU A 143 -8.02 19.19 -18.37
N TYR A 144 -6.99 18.58 -18.94
CA TYR A 144 -6.14 19.30 -19.88
C TYR A 144 -7.01 19.85 -21.04
N GLN A 145 -7.96 19.05 -21.50
CA GLN A 145 -8.84 19.43 -22.64
C GLN A 145 -9.83 20.53 -22.31
N GLU A 146 -10.56 20.36 -21.20
CA GLU A 146 -11.65 21.25 -20.85
C GLU A 146 -11.12 22.52 -20.24
N ASN A 147 -9.98 22.42 -19.53
CA ASN A 147 -9.27 23.55 -18.96
C ASN A 147 -10.25 24.57 -18.32
N ASN A 148 -11.09 24.06 -17.41
CA ASN A 148 -12.06 24.85 -16.65
C ASN A 148 -11.93 24.67 -15.14
N GLY A 149 -10.81 24.10 -14.70
CA GLY A 149 -10.53 23.95 -13.30
C GLY A 149 -11.40 22.94 -12.57
N LYS A 150 -12.06 22.06 -13.34
CA LYS A 150 -13.06 21.17 -12.76
C LYS A 150 -12.85 19.75 -13.17
N VAL A 151 -12.96 18.85 -12.19
CA VAL A 151 -13.05 17.42 -12.44
C VAL A 151 -14.22 16.86 -11.66
N SER A 152 -14.56 15.60 -11.89
CA SER A 152 -15.63 14.98 -11.11
C SER A 152 -15.33 15.07 -9.62
N PRO A 153 -16.37 15.31 -8.81
CA PRO A 153 -16.25 15.19 -7.35
C PRO A 153 -15.76 13.80 -6.92
N PHE A 154 -16.01 12.76 -7.72
CA PHE A 154 -15.60 11.41 -7.36
C PHE A 154 -14.13 11.08 -7.71
N PHE A 155 -13.40 11.99 -8.36
CA PHE A 155 -12.05 11.69 -8.85
C PHE A 155 -11.09 11.11 -7.79
N ILE A 156 -10.94 11.80 -6.66
CA ILE A 156 -9.98 11.34 -5.64
C ILE A 156 -10.32 9.95 -5.12
N PRO A 157 -11.51 9.76 -4.50
CA PRO A 157 -11.79 8.39 -4.02
C PRO A 157 -11.75 7.32 -5.13
N ALA A 158 -12.16 7.68 -6.34
CA ALA A 158 -12.20 6.72 -7.44
C ALA A 158 -10.82 6.23 -7.84
N SER A 159 -9.80 7.02 -7.50
CA SER A 159 -8.42 6.79 -7.86
C SER A 159 -7.58 6.19 -6.71
N LEU A 160 -8.07 6.20 -5.50
CA LEU A 160 -7.26 5.81 -4.35
C LEU A 160 -7.24 4.30 -4.15
N ILE A 161 -6.04 3.74 -4.06
CA ILE A 161 -5.90 2.28 -3.83
C ILE A 161 -6.73 1.78 -2.66
N ASN A 162 -6.76 2.54 -1.59
CA ASN A 162 -7.39 2.08 -0.38
C ASN A 162 -8.92 2.16 -0.38
N LEU A 163 -9.49 2.70 -1.46
CA LEU A 163 -10.94 2.74 -1.52
C LEU A 163 -11.56 1.39 -1.91
N LEU A 164 -10.72 0.44 -2.30
CA LEU A 164 -11.21 -0.93 -2.47
C LEU A 164 -11.54 -1.50 -1.10
N SER A 165 -10.57 -1.45 -0.17
CA SER A 165 -10.83 -1.78 1.25
C SER A 165 -11.99 -0.92 1.80
N GLY A 166 -11.98 0.38 1.48
CA GLY A 166 -13.05 1.26 1.94
C GLY A 166 -14.47 0.78 1.57
N LEU A 167 -14.69 0.47 0.29
CA LEU A 167 -16.00 0.10 -0.19
C LEU A 167 -16.46 -1.27 0.29
N VAL A 168 -15.54 -2.23 0.40
CA VAL A 168 -15.89 -3.55 0.91
C VAL A 168 -16.22 -3.38 2.38
N SER A 169 -15.47 -2.53 3.09
CA SER A 169 -15.76 -2.27 4.50
CA SER A 169 -15.77 -2.31 4.50
C SER A 169 -17.17 -1.71 4.67
N ILE A 170 -17.50 -0.75 3.83
CA ILE A 170 -18.82 -0.14 3.88
C ILE A 170 -19.91 -1.15 3.54
N LYS A 171 -19.69 -1.95 2.51
CA LYS A 171 -20.66 -2.90 2.08
C LYS A 171 -21.04 -3.83 3.22
N TYR A 172 -20.05 -4.35 3.97
CA TYR A 172 -20.35 -5.37 4.98
C TYR A 172 -20.28 -4.87 6.43
N GLY A 173 -20.00 -3.59 6.63
CA GLY A 173 -19.78 -3.10 7.99
C GLY A 173 -18.47 -3.56 8.67
N PHE A 174 -17.45 -4.00 7.93
CA PHE A 174 -16.25 -4.52 8.57
C PHE A 174 -15.42 -3.35 9.08
N SER A 175 -15.26 -3.29 10.41
CA SER A 175 -14.75 -2.08 11.07
C SER A 175 -13.43 -2.30 11.78
N GLY A 176 -12.81 -3.45 11.54
CA GLY A 176 -11.44 -3.71 11.97
C GLY A 176 -10.42 -2.95 11.12
N PRO A 177 -9.13 -3.35 11.20
CA PRO A 177 -8.11 -2.69 10.41
C PRO A 177 -8.50 -2.57 8.94
N ASN A 178 -8.34 -1.36 8.40
CA ASN A 178 -8.76 -1.04 7.04
C ASN A 178 -7.53 -0.58 6.29
N GLN A 179 -6.85 -1.56 5.67
CA GLN A 179 -5.47 -1.37 5.20
C GLN A 179 -5.29 -1.98 3.82
N THR A 180 -4.07 -1.86 3.31
CA THR A 180 -3.71 -2.32 1.97
C THR A 180 -2.28 -2.84 2.00
N ALA A 181 -1.90 -3.48 0.90
CA ALA A 181 -0.50 -3.74 0.58
C ALA A 181 -0.35 -3.27 -0.86
N VAL A 182 0.79 -2.67 -1.19
CA VAL A 182 1.07 -2.15 -2.49
C VAL A 182 2.52 -2.45 -2.78
N THR A 183 2.78 -3.53 -3.51
CA THR A 183 4.15 -3.98 -3.75
C THR A 183 4.27 -4.51 -5.15
N ALA A 184 3.80 -3.69 -6.10
CA ALA A 184 3.89 -3.99 -7.49
C ALA A 184 3.36 -5.40 -7.79
N CYS A 185 4.12 -6.22 -8.50
CA CYS A 185 3.69 -7.57 -8.87
C CYS A 185 3.65 -8.59 -7.72
N SER A 186 4.06 -8.19 -6.52
CA SER A 186 3.94 -9.05 -5.36
C SER A 186 2.72 -8.70 -4.46
N THR A 187 2.01 -7.65 -4.83
CA THR A 187 0.93 -7.07 -3.99
C THR A 187 -0.03 -8.09 -3.37
N GLY A 188 -0.61 -8.97 -4.19
CA GLY A 188 -1.66 -9.87 -3.76
C GLY A 188 -1.17 -10.89 -2.76
N ALA A 189 0.11 -11.23 -2.88
CA ALA A 189 0.76 -12.14 -1.93
C ALA A 189 1.10 -11.46 -0.60
N HIS A 190 1.69 -10.27 -0.66
CA HIS A 190 1.94 -9.51 0.58
C HIS A 190 0.64 -9.21 1.30
N ALA A 191 -0.43 -8.86 0.58
CA ALA A 191 -1.72 -8.59 1.23
C ALA A 191 -2.20 -9.78 2.07
N ILE A 192 -2.17 -10.96 1.45
CA ILE A 192 -2.61 -12.20 2.09
C ILE A 192 -1.68 -12.58 3.25
N GLY A 193 -0.37 -12.53 3.02
CA GLY A 193 0.60 -12.82 4.08
C GLY A 193 0.44 -11.88 5.25
N ASP A 194 0.36 -10.58 4.97
CA ASP A 194 0.12 -9.61 6.07
C ASP A 194 -1.20 -9.83 6.80
N ALA A 195 -2.26 -10.14 6.05
CA ALA A 195 -3.53 -10.46 6.67
C ALA A 195 -3.43 -11.70 7.58
N MET A 196 -2.66 -12.70 7.16
CA MET A 196 -2.43 -13.87 7.98
C MET A 196 -1.72 -13.51 9.28
N ARG A 197 -0.70 -12.66 9.17
CA ARG A 197 0.07 -12.24 10.32
C ARG A 197 -0.83 -11.47 11.30
N MET A 198 -1.72 -10.67 10.76
CA MET A 198 -2.66 -9.93 11.59
C MET A 198 -3.51 -10.88 12.49
N ILE A 199 -4.00 -11.97 11.90
CA ILE A 199 -4.78 -12.97 12.61
C ILE A 199 -3.88 -13.78 13.53
N LYS A 200 -2.72 -14.19 13.03
CA LYS A 200 -1.75 -14.98 13.79
C LYS A 200 -1.44 -14.35 15.12
N HIS A 201 -1.28 -13.03 15.12
CA HIS A 201 -0.87 -12.32 16.34
C HIS A 201 -2.03 -11.71 17.08
N GLY A 202 -3.27 -12.01 16.69
CA GLY A 202 -4.41 -11.72 17.57
C GLY A 202 -5.12 -10.39 17.34
N TYR A 203 -4.75 -9.67 16.29
CA TYR A 203 -5.32 -8.36 16.04
C TYR A 203 -6.63 -8.38 15.26
N ALA A 204 -7.02 -9.53 14.75
CA ALA A 204 -8.29 -9.66 14.05
C ALA A 204 -8.68 -11.13 14.07
N ASP A 205 -9.97 -11.40 13.97
CA ASP A 205 -10.43 -12.78 13.82
C ASP A 205 -10.68 -13.19 12.37
N VAL A 206 -11.08 -12.22 11.56
CA VAL A 206 -11.33 -12.48 10.12
C VAL A 206 -10.68 -11.37 9.31
N MET A 207 -10.11 -11.72 8.15
CA MET A 207 -9.54 -10.72 7.23
C MET A 207 -9.95 -10.97 5.81
N ILE A 208 -10.30 -9.89 5.13
CA ILE A 208 -10.59 -9.93 3.72
C ILE A 208 -9.32 -9.46 3.03
N ALA A 209 -8.71 -10.32 2.22
CA ALA A 209 -7.41 -9.97 1.66
C ALA A 209 -7.18 -10.38 0.22
N GLY A 210 -6.37 -9.58 -0.47
CA GLY A 210 -5.97 -9.88 -1.84
C GLY A 210 -5.67 -8.62 -2.65
N GLY A 211 -5.82 -8.76 -3.96
CA GLY A 211 -5.38 -7.75 -4.92
C GLY A 211 -6.27 -7.67 -6.13
N ALA A 212 -6.24 -6.49 -6.72
CA ALA A 212 -7.02 -6.17 -7.90
C ALA A 212 -6.23 -5.21 -8.81
N GLU A 213 -6.40 -5.34 -10.11
CA GLU A 213 -5.66 -4.55 -11.09
C GLU A 213 -6.43 -4.41 -12.41
N ALA A 214 -6.38 -3.20 -12.95
CA ALA A 214 -6.92 -2.87 -14.26
C ALA A 214 -5.91 -2.00 -14.97
N PRO A 215 -4.80 -2.61 -15.40
CA PRO A 215 -3.69 -1.82 -15.87
C PRO A 215 -3.62 -1.69 -17.39
N VAL A 216 -4.53 -2.32 -18.10
CA VAL A 216 -4.48 -2.34 -19.55
C VAL A 216 -5.14 -1.06 -20.10
N THR A 217 -4.32 0.00 -20.14
CA THR A 217 -4.69 1.29 -20.70
C THR A 217 -3.58 1.72 -21.65
N PRO A 218 -3.83 2.80 -22.44
CA PRO A 218 -2.81 3.22 -23.38
C PRO A 218 -1.46 3.54 -22.70
N VAL A 219 -1.52 4.28 -21.60
CA VAL A 219 -0.27 4.67 -20.92
C VAL A 219 0.35 3.50 -20.16
N GLY A 220 -0.50 2.59 -19.68
CA GLY A 220 -0.05 1.36 -19.03
C GLY A 220 0.72 0.44 -19.95
N VAL A 221 0.13 0.12 -21.10
CA VAL A 221 0.80 -0.74 -22.05
C VAL A 221 2.06 -0.05 -22.57
N ALA A 222 1.94 1.25 -22.92
CA ALA A 222 3.10 2.01 -23.40
C ALA A 222 4.23 1.96 -22.35
N GLY A 223 3.85 2.08 -21.08
CA GLY A 223 4.80 2.00 -19.97
C GLY A 223 5.59 0.73 -19.92
N PHE A 224 4.89 -0.39 -20.02
CA PHE A 224 5.54 -1.70 -19.96
C PHE A 224 6.30 -2.03 -21.22
N VAL A 225 5.80 -1.56 -22.37
CA VAL A 225 6.55 -1.71 -23.60
C VAL A 225 7.87 -0.97 -23.46
N ALA A 226 7.83 0.25 -22.90
CA ALA A 226 9.04 1.08 -22.82
C ALA A 226 10.04 0.48 -21.82
N ALA A 227 9.56 -0.18 -20.78
CA ALA A 227 10.41 -0.93 -19.86
C ALA A 227 10.92 -2.22 -20.47
N ARG A 228 10.55 -2.51 -21.73
CA ARG A 228 10.91 -3.74 -22.44
C ARG A 228 10.45 -4.99 -21.67
N ALA A 229 9.33 -4.90 -20.96
CA ALA A 229 8.82 -6.02 -20.16
C ALA A 229 7.87 -6.98 -20.93
N LEU A 230 7.28 -6.50 -22.04
CA LEU A 230 6.18 -7.23 -22.69
C LEU A 230 6.56 -8.05 -23.91
N CYS A 231 5.90 -9.19 -24.09
CA CYS A 231 5.95 -9.91 -25.38
C CYS A 231 5.31 -9.09 -26.52
N THR A 232 6.07 -8.80 -27.56
CA THR A 232 5.57 -8.01 -28.68
C THR A 232 5.61 -8.81 -29.99
N LYS A 233 5.97 -10.08 -29.93
CA LYS A 233 6.14 -10.93 -31.09
C LYS A 233 4.97 -11.92 -31.38
N TYR A 234 3.97 -12.01 -30.52
CA TYR A 234 2.85 -12.93 -30.76
C TYR A 234 1.50 -12.20 -30.88
N ASN A 235 1.50 -10.97 -31.38
CA ASN A 235 0.24 -10.22 -31.53
C ASN A 235 -0.78 -10.89 -32.47
N ASP A 236 -0.31 -11.64 -33.45
CA ASP A 236 -1.18 -12.40 -34.35
C ASP A 236 -1.67 -13.72 -33.78
N ASN A 237 -1.03 -14.20 -32.72
CA ASN A 237 -1.45 -15.44 -32.06
C ASN A 237 -1.41 -15.26 -30.55
N PRO A 238 -2.33 -14.46 -30.00
CA PRO A 238 -2.32 -14.03 -28.60
C PRO A 238 -2.20 -15.18 -27.60
N LYS A 239 -2.89 -16.30 -27.86
CA LYS A 239 -2.91 -17.40 -26.90
C LYS A 239 -1.60 -18.15 -26.82
N LYS A 240 -0.68 -17.84 -27.72
CA LYS A 240 0.65 -18.46 -27.72
C LYS A 240 1.75 -17.60 -27.05
N ALA A 241 1.41 -16.38 -26.68
CA ALA A 241 2.40 -15.37 -26.23
C ALA A 241 3.03 -15.72 -24.90
N SER A 242 2.20 -16.10 -23.94
CA SER A 242 2.65 -16.30 -22.57
C SER A 242 3.13 -17.77 -22.46
N ARG A 243 4.45 -17.95 -22.43
CA ARG A 243 5.08 -19.26 -22.55
C ARG A 243 6.24 -19.46 -21.56
N PRO A 244 5.90 -19.50 -20.27
CA PRO A 244 6.92 -19.58 -19.23
C PRO A 244 7.85 -20.76 -19.42
N TRP A 245 9.15 -20.48 -19.29
CA TRP A 245 10.26 -21.41 -19.45
C TRP A 245 10.44 -21.99 -20.86
N ASP A 246 9.63 -21.52 -21.82
CA ASP A 246 9.74 -21.95 -23.21
C ASP A 246 10.88 -21.14 -23.85
N LYS A 247 11.62 -21.79 -24.73
CA LYS A 247 12.72 -21.15 -25.42
C LYS A 247 12.30 -19.96 -26.25
N ASP A 248 11.05 -19.91 -26.70
CA ASP A 248 10.61 -18.75 -27.49
C ASP A 248 9.95 -17.65 -26.65
N ARG A 249 10.06 -17.74 -25.32
CA ARG A 249 9.52 -16.68 -24.47
C ARG A 249 10.24 -15.37 -24.75
N SER A 250 9.52 -14.26 -24.65
CA SER A 250 10.12 -12.94 -24.87
C SER A 250 9.40 -11.79 -24.13
N GLY A 251 8.86 -12.09 -22.94
CA GLY A 251 8.23 -11.07 -22.14
C GLY A 251 6.83 -11.48 -21.70
N PHE A 252 6.36 -10.82 -20.64
CA PHE A 252 5.05 -11.12 -20.12
C PHE A 252 3.91 -10.47 -20.90
N VAL A 253 2.71 -10.96 -20.67
CA VAL A 253 1.47 -10.39 -21.22
C VAL A 253 0.70 -9.80 -20.03
N MET A 254 0.36 -8.53 -20.14
CA MET A 254 -0.43 -7.89 -19.10
C MET A 254 -1.85 -8.46 -19.04
N GLY A 255 -2.38 -8.52 -17.84
CA GLY A 255 -3.75 -8.93 -17.58
C GLY A 255 -4.42 -8.10 -16.48
N GLU A 256 -5.73 -8.34 -16.33
CA GLU A 256 -6.55 -7.58 -15.40
C GLU A 256 -7.45 -8.55 -14.64
N GLY A 257 -7.82 -8.15 -13.43
CA GLY A 257 -8.81 -8.88 -12.63
C GLY A 257 -8.54 -8.74 -11.15
N ALA A 258 -9.07 -9.68 -10.39
CA ALA A 258 -8.89 -9.66 -8.96
C ALA A 258 -9.01 -11.06 -8.36
N GLY A 259 -8.38 -11.20 -7.22
CA GLY A 259 -8.43 -12.40 -6.41
C GLY A 259 -8.46 -11.98 -4.94
N VAL A 260 -9.51 -12.40 -4.24
CA VAL A 260 -9.72 -12.07 -2.85
C VAL A 260 -10.06 -13.31 -2.09
N VAL A 261 -9.54 -13.39 -0.86
CA VAL A 261 -9.87 -14.49 0.07
C VAL A 261 -10.35 -13.97 1.42
N VAL A 262 -11.07 -14.82 2.12
CA VAL A 262 -11.35 -14.65 3.54
C VAL A 262 -10.41 -15.58 4.30
N LEU A 263 -9.63 -14.96 5.20
CA LEU A 263 -8.81 -15.66 6.17
C LEU A 263 -9.44 -15.51 7.54
N GLU A 264 -9.26 -16.53 8.36
CA GLU A 264 -9.98 -16.62 9.60
C GLU A 264 -9.18 -17.41 10.63
N GLU A 265 -9.25 -16.94 11.88
CA GLU A 265 -8.61 -17.67 12.97
C GLU A 265 -9.30 -19.06 13.09
N TYR A 266 -8.50 -20.09 13.30
CA TYR A 266 -8.99 -21.44 13.12
C TYR A 266 -10.15 -21.79 14.05
N GLU A 267 -10.01 -21.54 15.35
CA GLU A 267 -11.10 -21.89 16.29
C GLU A 267 -12.41 -21.17 15.94
N HIS A 268 -12.28 -19.88 15.66
CA HIS A 268 -13.38 -19.04 15.18
C HIS A 268 -14.10 -19.66 13.96
N ALA A 269 -13.34 -20.09 12.98
CA ALA A 269 -13.88 -20.81 11.82
C ALA A 269 -14.62 -22.10 12.23
N LEU A 270 -13.96 -22.93 13.05
CA LEU A 270 -14.57 -24.17 13.51
C LEU A 270 -15.85 -23.95 14.30
N ASN A 271 -15.81 -22.98 15.21
CA ASN A 271 -16.94 -22.68 16.05
C ASN A 271 -18.20 -22.29 15.30
N ARG A 272 -18.06 -21.68 14.13
CA ARG A 272 -19.23 -21.29 13.33
C ARG A 272 -19.51 -22.23 12.18
N GLY A 273 -18.81 -23.35 12.09
CA GLY A 273 -19.02 -24.32 11.02
C GLY A 273 -18.53 -23.89 9.64
N ALA A 274 -17.50 -23.07 9.57
CA ALA A 274 -17.07 -22.53 8.27
C ALA A 274 -16.53 -23.63 7.36
N LYS A 275 -16.65 -23.45 6.04
CA LYS A 275 -15.91 -24.28 5.08
C LYS A 275 -14.41 -23.89 5.23
N VAL A 276 -13.54 -24.89 5.20
CA VAL A 276 -12.12 -24.61 5.35
C VAL A 276 -11.37 -25.20 4.15
N TYR A 277 -10.74 -24.34 3.37
CA TYR A 277 -10.02 -24.76 2.15
C TYR A 277 -8.59 -25.21 2.43
N GLY A 278 -7.99 -24.72 3.52
CA GLY A 278 -6.59 -24.92 3.77
C GLY A 278 -6.10 -24.03 4.88
N GLU A 279 -4.87 -24.28 5.32
CA GLU A 279 -4.27 -23.47 6.36
C GLU A 279 -3.04 -22.72 5.77
N VAL A 280 -2.97 -21.43 6.06
CA VAL A 280 -1.83 -20.63 5.64
C VAL A 280 -0.79 -20.78 6.73
N ILE A 281 0.33 -21.41 6.42
CA ILE A 281 1.30 -21.78 7.43
C ILE A 281 2.64 -21.10 7.28
N GLY A 282 2.93 -20.54 6.12
CA GLY A 282 4.21 -19.91 5.90
C GLY A 282 4.14 -18.71 5.01
N TYR A 283 4.99 -17.73 5.34
CA TYR A 283 5.06 -16.46 4.63
C TYR A 283 6.51 -15.95 4.65
N GLY A 284 7.08 -15.78 3.46
CA GLY A 284 8.41 -15.21 3.29
C GLY A 284 8.28 -13.89 2.54
N SER A 285 9.04 -12.89 2.97
CA SER A 285 9.02 -11.56 2.38
C SER A 285 10.42 -10.94 2.41
N THR A 286 11.00 -10.69 1.25
CA THR A 286 12.38 -10.29 1.15
C THR A 286 12.57 -9.22 0.06
N GLY A 287 13.76 -8.63 0.05
CA GLY A 287 14.13 -7.66 -0.98
C GLY A 287 15.43 -8.08 -1.65
N ASP A 288 15.50 -7.90 -2.96
CA ASP A 288 16.71 -8.13 -3.74
C ASP A 288 17.78 -7.07 -3.41
N ALA A 289 17.32 -5.84 -3.14
CA ALA A 289 18.18 -4.67 -2.99
C ALA A 289 19.18 -4.52 -4.17
N TYR A 290 18.70 -4.64 -5.39
CA TYR A 290 19.57 -4.72 -6.53
C TYR A 290 19.20 -3.67 -7.56
N HIS A 291 18.00 -3.73 -8.11
CA HIS A 291 17.67 -2.91 -9.31
C HIS A 291 16.20 -2.55 -9.27
N MET A 292 15.85 -1.42 -9.86
CA MET A 292 14.44 -0.97 -9.92
C MET A 292 13.51 -1.95 -10.63
N THR A 293 13.98 -2.57 -11.69
CA THR A 293 13.14 -3.40 -12.51
C THR A 293 13.69 -4.78 -12.84
N ALA A 294 15.00 -4.95 -12.83
CA ALA A 294 15.60 -6.24 -13.12
C ALA A 294 15.69 -7.08 -11.84
N PRO A 295 15.39 -8.38 -11.95
CA PRO A 295 15.46 -9.28 -10.82
C PRO A 295 16.93 -9.59 -10.50
N HIS A 296 17.21 -9.89 -9.23
CA HIS A 296 18.57 -10.22 -8.81
C HIS A 296 19.11 -11.35 -9.72
N PRO A 297 20.26 -11.15 -10.38
CA PRO A 297 20.76 -12.21 -11.28
C PRO A 297 21.06 -13.56 -10.62
N GLU A 298 21.33 -13.56 -9.32
CA GLU A 298 21.55 -14.81 -8.58
C GLU A 298 20.30 -15.30 -7.86
N GLY A 299 19.16 -14.64 -8.08
CA GLY A 299 17.93 -15.02 -7.44
C GLY A 299 17.91 -15.04 -5.92
N ARG A 300 18.75 -14.23 -5.28
CA ARG A 300 18.90 -14.25 -3.83
C ARG A 300 17.57 -13.97 -3.07
N GLY A 301 16.87 -12.91 -3.47
CA GLY A 301 15.62 -12.52 -2.82
C GLY A 301 14.54 -13.58 -2.99
N ALA A 302 14.43 -14.12 -4.19
CA ALA A 302 13.45 -15.15 -4.51
C ALA A 302 13.74 -16.42 -3.72
N TYR A 303 15.01 -16.85 -3.73
CA TYR A 303 15.46 -18.02 -2.99
C TYR A 303 15.15 -17.88 -1.51
N ARG A 304 15.50 -16.73 -0.93
CA ARG A 304 15.26 -16.49 0.47
C ARG A 304 13.77 -16.47 0.82
N ALA A 305 12.94 -15.84 -0.01
CA ALA A 305 11.52 -15.80 0.27
C ALA A 305 10.93 -17.21 0.38
N MET A 306 11.28 -18.07 -0.59
CA MET A 306 10.84 -19.46 -0.55
C MET A 306 11.36 -20.16 0.70
N ARG A 307 12.65 -20.02 0.93
CA ARG A 307 13.28 -20.68 2.05
C ARG A 307 12.65 -20.25 3.38
N ASP A 308 12.49 -18.95 3.54
CA ASP A 308 11.89 -18.41 4.77
C ASP A 308 10.43 -18.82 4.95
N ALA A 309 9.70 -18.94 3.85
CA ALA A 309 8.29 -19.28 3.94
C ALA A 309 8.14 -20.67 4.52
N MET A 310 9.06 -21.56 4.15
CA MET A 310 9.10 -22.93 4.65
C MET A 310 9.60 -23.04 6.07
N LEU A 311 10.63 -22.24 6.39
CA LEU A 311 11.06 -22.16 7.78
C LEU A 311 9.95 -21.62 8.68
N ASP A 312 9.28 -20.59 8.23
CA ASP A 312 8.16 -19.97 8.95
C ASP A 312 7.06 -21.05 9.17
N ALA A 313 6.83 -21.89 8.16
CA ALA A 313 5.87 -23.03 8.24
C ALA A 313 6.33 -24.24 9.06
N THR A 314 7.60 -24.21 9.49
CA THR A 314 8.27 -25.35 10.10
C THR A 314 8.09 -26.63 9.26
N ILE A 315 8.26 -26.51 7.95
CA ILE A 315 8.37 -27.68 7.09
C ILE A 315 9.72 -27.71 6.36
N THR A 316 9.99 -28.85 5.74
CA THR A 316 11.22 -29.07 4.98
C THR A 316 10.87 -29.12 3.49
N PRO A 317 11.85 -28.90 2.60
CA PRO A 317 11.48 -28.75 1.20
C PRO A 317 10.93 -30.01 0.50
N ASP A 318 11.25 -31.19 1.01
CA ASP A 318 10.67 -32.44 0.51
C ASP A 318 9.15 -32.48 0.67
N MET A 319 8.60 -31.66 1.57
CA MET A 319 7.19 -31.72 1.90
C MET A 319 6.29 -30.99 0.88
N ILE A 320 6.83 -30.00 0.16
CA ILE A 320 6.08 -29.29 -0.86
C ILE A 320 5.69 -30.28 -1.96
N ASP A 321 4.44 -30.23 -2.42
CA ASP A 321 4.01 -31.09 -3.57
C ASP A 321 3.88 -30.32 -4.89
N TYR A 322 3.47 -29.07 -4.78
CA TYR A 322 3.21 -28.25 -5.97
C TYR A 322 3.61 -26.81 -5.69
N ILE A 323 4.19 -26.17 -6.71
CA ILE A 323 4.63 -24.79 -6.67
C ILE A 323 3.94 -24.04 -7.78
N ASN A 324 3.21 -22.99 -7.39
CA ASN A 324 2.66 -22.08 -8.35
C ASN A 324 3.66 -20.94 -8.48
N ALA A 325 4.38 -20.97 -9.59
CA ALA A 325 5.48 -20.09 -9.84
C ALA A 325 4.99 -18.64 -10.08
N HIS A 326 5.89 -17.68 -9.96
CA HIS A 326 5.65 -16.37 -10.49
C HIS A 326 5.60 -16.47 -12.02
N GLY A 327 6.65 -17.04 -12.61
CA GLY A 327 6.59 -17.55 -13.98
C GLY A 327 5.94 -16.67 -15.02
N THR A 328 6.55 -15.51 -15.28
CA THR A 328 5.90 -14.48 -16.11
C THR A 328 6.12 -14.59 -17.61
N SER A 329 7.01 -15.49 -18.05
CA SER A 329 7.39 -15.61 -19.49
C SER A 329 8.44 -14.59 -19.95
N THR A 330 9.26 -14.13 -19.00
CA THR A 330 10.44 -13.32 -19.32
C THR A 330 11.67 -14.21 -19.50
N THR A 331 12.66 -13.70 -20.26
CA THR A 331 13.88 -14.43 -20.49
C THR A 331 14.65 -14.63 -19.17
N LEU A 332 15.00 -13.53 -18.52
CA LEU A 332 15.82 -13.57 -17.30
C LEU A 332 15.04 -14.06 -16.10
N GLY A 333 13.89 -13.47 -15.86
CA GLY A 333 13.05 -13.83 -14.70
C GLY A 333 12.71 -15.31 -14.61
N ASP A 334 12.25 -15.90 -15.71
CA ASP A 334 11.85 -17.31 -15.65
C ASP A 334 13.06 -18.17 -15.28
N GLY A 335 14.22 -17.85 -15.85
CA GLY A 335 15.43 -18.62 -15.62
C GLY A 335 15.93 -18.47 -14.20
N ILE A 336 15.85 -17.26 -13.68
CA ILE A 336 16.26 -16.98 -12.31
C ILE A 336 15.40 -17.75 -11.31
N GLU A 337 14.08 -17.71 -11.53
CA GLU A 337 13.15 -18.45 -10.66
C GLU A 337 13.39 -19.95 -10.78
N LEU A 338 13.56 -20.43 -11.99
CA LEU A 338 13.81 -21.85 -12.18
C LEU A 338 15.07 -22.31 -11.42
N ALA A 339 16.16 -21.55 -11.52
CA ALA A 339 17.43 -21.92 -10.88
C ALA A 339 17.28 -21.85 -9.37
N ALA A 340 16.62 -20.81 -8.87
CA ALA A 340 16.36 -20.74 -7.42
C ALA A 340 15.49 -21.92 -6.89
N VAL A 341 14.42 -22.24 -7.62
CA VAL A 341 13.59 -23.40 -7.31
C VAL A 341 14.38 -24.71 -7.32
N GLN A 342 15.16 -24.94 -8.36
CA GLN A 342 15.93 -26.18 -8.47
C GLN A 342 17.02 -26.29 -7.37
N LYS A 343 17.67 -25.18 -7.06
CA LYS A 343 18.65 -25.12 -5.99
C LYS A 343 18.01 -25.59 -4.70
N LEU A 344 16.82 -25.05 -4.41
CA LEU A 344 16.14 -25.35 -3.16
C LEU A 344 15.50 -26.75 -3.12
N PHE A 345 14.99 -27.22 -4.27
CA PHE A 345 14.13 -28.40 -4.28
C PHE A 345 14.65 -29.64 -4.98
N LEU A 346 15.60 -29.48 -5.91
CA LEU A 346 15.93 -30.60 -6.78
C LEU A 346 16.46 -31.86 -6.02
N GLU A 347 17.40 -31.65 -5.10
CA GLU A 347 18.01 -32.77 -4.35
C GLU A 347 17.01 -33.40 -3.38
N ALA A 348 16.25 -32.58 -2.67
CA ALA A 348 15.35 -33.09 -1.61
C ALA A 348 13.98 -33.51 -2.14
N ASN A 349 13.61 -33.04 -3.32
CA ASN A 349 12.25 -33.24 -3.82
C ASN A 349 12.26 -33.25 -5.33
N PRO A 350 12.95 -34.22 -5.92
CA PRO A 350 13.06 -34.24 -7.38
C PRO A 350 11.72 -34.37 -8.15
N LYS A 351 10.67 -34.88 -7.49
CA LYS A 351 9.37 -35.09 -8.12
C LYS A 351 8.40 -33.92 -7.97
N VAL A 352 8.87 -32.83 -7.39
CA VAL A 352 7.98 -31.71 -7.15
C VAL A 352 7.44 -31.20 -8.50
N LEU A 353 6.18 -30.77 -8.49
CA LEU A 353 5.56 -30.19 -9.65
C LEU A 353 5.60 -28.68 -9.49
N MET A 354 5.80 -27.98 -10.61
CA MET A 354 5.72 -26.51 -10.63
C MET A 354 5.05 -26.08 -11.92
N SER A 355 4.14 -25.11 -11.85
CA SER A 355 3.52 -24.55 -13.05
C SER A 355 3.25 -23.05 -12.90
N SER A 356 3.12 -22.38 -14.06
CA SER A 356 2.72 -21.00 -14.09
C SER A 356 1.37 -20.88 -14.74
N THR A 357 0.41 -20.40 -13.98
CA THR A 357 -0.92 -20.14 -14.52
C THR A 357 -0.97 -18.83 -15.30
N LYS A 358 0.12 -18.04 -15.27
CA LYS A 358 0.19 -16.86 -16.12
C LYS A 358 0.25 -17.28 -17.60
N SER A 359 0.62 -18.56 -17.83
CA SER A 359 0.54 -19.17 -19.16
C SER A 359 -0.88 -19.11 -19.73
N SER A 360 -1.89 -19.02 -18.85
CA SER A 360 -3.28 -18.95 -19.28
CA SER A 360 -3.29 -18.97 -19.24
C SER A 360 -3.88 -17.56 -19.22
N ILE A 361 -3.67 -16.84 -18.12
CA ILE A 361 -4.35 -15.54 -17.92
C ILE A 361 -3.47 -14.33 -18.00
N GLY A 362 -2.17 -14.54 -18.23
CA GLY A 362 -1.25 -13.43 -18.26
C GLY A 362 -0.89 -13.00 -16.85
N HIS A 363 -0.31 -11.82 -16.78
CA HIS A 363 0.25 -11.30 -15.56
C HIS A 363 -0.67 -10.18 -15.02
N LEU A 364 -1.43 -10.50 -13.98
CA LEU A 364 -2.40 -9.56 -13.40
C LEU A 364 -1.79 -8.56 -12.42
N LEU A 365 -0.46 -8.47 -12.46
CA LEU A 365 0.33 -7.52 -11.69
C LEU A 365 0.01 -7.63 -10.21
N GLY A 366 -0.57 -6.59 -9.62
CA GLY A 366 -0.89 -6.65 -8.18
C GLY A 366 -1.93 -7.70 -7.80
N ALA A 367 -2.70 -8.18 -8.78
CA ALA A 367 -3.70 -9.22 -8.51
C ALA A 367 -3.13 -10.60 -8.73
N ALA A 368 -1.92 -10.69 -9.30
CA ALA A 368 -1.39 -11.99 -9.64
C ALA A 368 -1.25 -12.90 -8.44
N GLY A 369 -0.66 -12.35 -7.37
CA GLY A 369 -0.32 -13.16 -6.22
C GLY A 369 -1.53 -13.72 -5.51
N SER A 370 -2.65 -12.99 -5.51
CA SER A 370 -3.81 -13.43 -4.79
C SER A 370 -4.66 -14.39 -5.63
N VAL A 371 -4.79 -14.08 -6.91
CA VAL A 371 -5.35 -15.02 -7.86
C VAL A 371 -4.62 -16.37 -7.79
N GLU A 372 -3.30 -16.32 -7.79
CA GLU A 372 -2.52 -17.54 -7.80
C GLU A 372 -2.56 -18.30 -6.46
N PHE A 373 -2.69 -17.56 -5.36
CA PHE A 373 -2.95 -18.13 -4.05
C PHE A 373 -4.25 -18.94 -4.05
N ILE A 374 -5.29 -18.39 -4.67
CA ILE A 374 -6.55 -19.09 -4.85
C ILE A 374 -6.39 -20.37 -5.69
N PHE A 375 -5.71 -20.26 -6.83
CA PHE A 375 -5.43 -21.46 -7.65
C PHE A 375 -4.72 -22.52 -6.83
N SER A 376 -3.81 -22.07 -5.95
CA SER A 376 -3.03 -22.96 -5.09
C SER A 376 -3.92 -23.73 -4.11
N ALA A 377 -4.87 -23.02 -3.50
CA ALA A 377 -5.84 -23.65 -2.64
C ALA A 377 -6.73 -24.65 -3.40
N LEU A 378 -7.13 -24.28 -4.60
CA LEU A 378 -7.97 -25.16 -5.41
C LEU A 378 -7.20 -26.40 -5.89
N ALA A 379 -5.90 -26.27 -6.13
CA ALA A 379 -5.09 -27.44 -6.47
C ALA A 379 -5.13 -28.48 -5.34
N ILE A 380 -5.17 -27.99 -4.11
CA ILE A 380 -5.32 -28.86 -2.95
C ILE A 380 -6.73 -29.44 -2.93
N ARG A 381 -7.74 -28.59 -3.10
CA ARG A 381 -9.13 -29.08 -3.09
C ARG A 381 -9.35 -30.19 -4.12
N ASP A 382 -8.82 -30.01 -5.34
CA ASP A 382 -9.11 -30.92 -6.43
C ASP A 382 -7.95 -31.85 -6.78
N GLN A 383 -6.86 -31.79 -6.00
CA GLN A 383 -5.74 -32.71 -6.20
C GLN A 383 -5.33 -32.71 -7.67
N ILE A 384 -5.08 -31.51 -8.16
CA ILE A 384 -4.67 -31.32 -9.52
C ILE A 384 -3.81 -30.07 -9.65
N ALA A 385 -2.75 -30.21 -10.44
CA ALA A 385 -1.86 -29.13 -10.75
C ALA A 385 -2.25 -28.57 -12.11
N PRO A 386 -2.49 -27.27 -12.21
CA PRO A 386 -2.80 -26.65 -13.47
C PRO A 386 -1.59 -26.61 -14.40
N PRO A 387 -1.82 -26.59 -15.73
CA PRO A 387 -0.75 -26.70 -16.73
C PRO A 387 0.05 -25.41 -16.98
N THR A 388 1.32 -25.56 -17.38
CA THR A 388 2.01 -24.47 -18.01
C THR A 388 1.72 -24.61 -19.51
N LEU A 389 0.78 -23.79 -19.98
CA LEU A 389 0.49 -23.73 -21.41
C LEU A 389 1.69 -23.23 -22.18
N ASN A 390 1.73 -23.62 -23.46
CA ASN A 390 2.75 -23.15 -24.41
C ASN A 390 4.18 -23.65 -24.17
N LEU A 391 4.34 -24.60 -23.24
CA LEU A 391 5.66 -25.12 -22.94
C LEU A 391 6.00 -26.21 -23.95
N ASP A 392 6.33 -25.75 -25.16
CA ASP A 392 6.56 -26.61 -26.31
C ASP A 392 8.00 -26.99 -26.40
N THR A 393 8.89 -26.06 -26.07
CA THR A 393 10.33 -26.28 -26.18
C THR A 393 11.01 -25.79 -24.90
N PRO A 394 11.03 -26.65 -23.87
CA PRO A 394 11.50 -26.19 -22.56
C PRO A 394 12.97 -25.73 -22.62
N MET A 395 13.30 -24.69 -21.87
CA MET A 395 14.69 -24.25 -21.78
C MET A 395 15.56 -25.38 -21.23
N ASP A 396 16.84 -25.36 -21.59
CA ASP A 396 17.76 -26.45 -21.30
C ASP A 396 17.94 -26.78 -19.83
N GLU A 397 17.85 -25.75 -19.01
CA GLU A 397 18.07 -25.88 -17.58
C GLU A 397 16.97 -26.66 -16.85
N VAL A 398 15.84 -26.93 -17.50
CA VAL A 398 14.71 -27.55 -16.81
C VAL A 398 15.06 -28.97 -16.34
N ASN A 399 14.85 -29.25 -15.05
CA ASN A 399 15.12 -30.57 -14.48
C ASN A 399 14.01 -31.06 -13.59
N ILE A 400 12.87 -30.39 -13.61
CA ILE A 400 11.70 -30.84 -12.86
C ILE A 400 10.50 -30.78 -13.76
N ASP A 401 9.43 -31.39 -13.29
CA ASP A 401 8.16 -31.44 -14.01
C ASP A 401 7.44 -30.07 -13.93
N LEU A 402 7.33 -29.40 -15.07
CA LEU A 402 6.68 -28.08 -15.15
C LEU A 402 5.25 -28.19 -15.65
N VAL A 403 4.73 -29.42 -15.62
CA VAL A 403 3.31 -29.65 -15.95
C VAL A 403 3.03 -29.05 -17.32
N ALA A 404 3.91 -29.31 -18.29
CA ALA A 404 3.73 -28.77 -19.62
C ALA A 404 2.40 -29.18 -20.25
N LEU A 405 1.68 -28.20 -20.80
CA LEU A 405 0.56 -28.42 -21.72
C LEU A 405 -0.78 -28.86 -21.16
N LYS A 406 -0.77 -29.80 -20.22
CA LYS A 406 -1.99 -30.45 -19.73
C LYS A 406 -1.90 -30.55 -18.22
N ALA A 407 -3.02 -30.33 -17.55
CA ALA A 407 -3.13 -30.50 -16.10
C ALA A 407 -2.74 -31.92 -15.65
N LYS A 408 -2.27 -32.05 -14.42
CA LYS A 408 -1.85 -33.35 -13.91
C LYS A 408 -2.37 -33.61 -12.50
N LYS A 409 -3.13 -34.69 -12.34
CA LYS A 409 -3.62 -35.01 -11.04
C LYS A 409 -2.47 -35.62 -10.25
N THR A 410 -2.34 -35.20 -9.00
CA THR A 410 -1.35 -35.81 -8.10
C THR A 410 -1.69 -35.50 -6.64
N LYS A 411 -0.96 -36.12 -5.72
CA LYS A 411 -1.13 -35.84 -4.31
C LYS A 411 -0.60 -34.42 -4.01
N ILE A 412 -1.50 -33.56 -3.50
CA ILE A 412 -1.18 -32.18 -3.16
C ILE A 412 -1.69 -31.79 -1.76
N ASP A 413 -0.76 -31.80 -0.80
CA ASP A 413 -1.06 -31.46 0.58
C ASP A 413 -0.37 -30.16 0.98
N TYR A 414 0.75 -29.83 0.36
CA TYR A 414 1.41 -28.60 0.65
C TYR A 414 1.73 -27.91 -0.66
N VAL A 415 1.45 -26.60 -0.70
CA VAL A 415 1.71 -25.80 -1.89
C VAL A 415 2.47 -24.53 -1.55
N LEU A 416 3.45 -24.20 -2.39
CA LEU A 416 4.21 -22.96 -2.32
C LEU A 416 3.81 -22.08 -3.52
N SER A 417 3.56 -20.80 -3.27
CA SER A 417 3.24 -19.86 -4.33
C SER A 417 4.13 -18.62 -4.21
N ASN A 418 4.79 -18.27 -5.31
CA ASN A 418 5.69 -17.16 -5.40
C ASN A 418 5.14 -15.94 -6.14
N SER A 419 5.58 -14.75 -5.71
CA SER A 419 5.34 -13.51 -6.44
C SER A 419 6.51 -12.56 -6.27
N PHE A 420 7.01 -12.04 -7.39
CA PHE A 420 8.13 -11.13 -7.38
C PHE A 420 7.73 -9.83 -8.11
N GLY A 421 8.31 -8.70 -7.71
CA GLY A 421 7.91 -7.45 -8.32
C GLY A 421 9.02 -6.47 -8.44
N PHE A 422 8.76 -5.45 -9.25
CA PHE A 422 9.63 -4.31 -9.41
C PHE A 422 9.94 -3.77 -8.03
N GLY A 423 11.14 -3.21 -7.90
CA GLY A 423 11.68 -2.78 -6.64
C GLY A 423 12.40 -3.90 -5.92
N GLY A 424 12.55 -5.04 -6.59
CA GLY A 424 13.11 -6.22 -5.98
C GLY A 424 12.33 -6.84 -4.83
N THR A 425 11.02 -6.74 -4.84
CA THR A 425 10.24 -7.18 -3.70
C THR A 425 9.72 -8.62 -3.95
N ASN A 426 9.84 -9.50 -2.97
CA ASN A 426 9.51 -10.93 -3.14
C ASN A 426 8.62 -11.40 -2.02
N ALA A 427 7.59 -12.15 -2.40
CA ALA A 427 6.74 -12.77 -1.41
C ALA A 427 6.45 -14.23 -1.79
N SER A 428 6.54 -15.11 -0.80
CA SER A 428 6.18 -16.54 -0.96
C SER A 428 5.23 -16.94 0.15
N LEU A 429 4.23 -17.72 -0.22
CA LEU A 429 3.23 -18.21 0.69
C LEU A 429 3.17 -19.74 0.64
N VAL A 430 3.04 -20.37 1.81
CA VAL A 430 2.84 -21.81 1.91
C VAL A 430 1.46 -22.10 2.53
N ILE A 431 0.75 -23.00 1.86
CA ILE A 431 -0.56 -23.42 2.29
C ILE A 431 -0.53 -24.93 2.45
N LYS A 432 -1.27 -25.42 3.43
CA LYS A 432 -1.39 -26.84 3.57
C LYS A 432 -2.85 -27.27 3.67
N SER A 433 -3.11 -28.47 3.23
CA SER A 433 -4.39 -29.09 3.45
C SER A 433 -4.66 -29.19 4.95
N ILE A 434 -5.89 -28.91 5.32
CA ILE A 434 -6.29 -28.92 6.72
C ILE A 434 -6.39 -30.35 7.27
N LEU A 435 -6.53 -31.34 6.38
CA LEU A 435 -6.44 -32.76 6.77
C LEU A 435 -5.03 -33.18 7.23
N VAL A 436 -4.03 -32.44 6.75
CA VAL A 436 -2.57 -32.66 7.00
C VAL A 436 -2.12 -33.88 6.21
N ASN B 15 8.29 -11.46 22.17
CA ASN B 15 7.56 -10.13 22.03
C ASN B 15 8.40 -8.86 22.33
N LYS B 16 8.91 -8.21 21.30
CA LYS B 16 10.03 -7.31 21.43
C LYS B 16 9.55 -5.88 21.56
N ARG B 17 10.33 -5.08 22.27
CA ARG B 17 10.05 -3.65 22.41
C ARG B 17 10.68 -2.90 21.23
N VAL B 18 10.03 -1.84 20.81
CA VAL B 18 10.43 -1.13 19.62
C VAL B 18 10.67 0.35 19.88
N VAL B 19 11.86 0.82 19.53
CA VAL B 19 12.26 2.18 19.79
C VAL B 19 12.53 2.90 18.47
N ILE B 20 12.58 4.22 18.58
CA ILE B 20 12.80 5.14 17.48
C ILE B 20 14.25 5.61 17.56
N THR B 21 15.05 5.27 16.55
CA THR B 21 16.46 5.58 16.55
C THR B 21 16.93 6.52 15.42
N GLY B 22 16.00 6.97 14.55
CA GLY B 22 16.36 7.95 13.48
C GLY B 22 15.15 8.71 12.97
N LEU B 23 15.34 10.00 12.70
CA LEU B 23 14.28 10.87 12.17
C LEU B 23 14.72 11.52 10.87
N GLY B 24 13.79 11.66 9.95
CA GLY B 24 14.01 12.33 8.66
C GLY B 24 12.79 13.12 8.22
N LEU B 25 13.00 14.36 7.75
CA LEU B 25 11.90 15.23 7.38
C LEU B 25 12.23 16.10 6.19
N VAL B 26 11.26 16.18 5.26
CA VAL B 26 11.22 17.22 4.23
C VAL B 26 9.82 17.78 4.30
N THR B 27 9.72 19.05 4.69
CA THR B 27 8.43 19.66 4.92
C THR B 27 8.39 21.08 4.35
N PRO B 28 7.20 21.64 4.23
CA PRO B 28 7.08 23.05 3.84
C PRO B 28 7.76 24.07 4.77
N VAL B 29 8.20 23.68 5.97
CA VAL B 29 8.98 24.60 6.80
C VAL B 29 10.42 24.13 7.06
N GLY B 30 10.94 23.21 6.27
CA GLY B 30 12.34 22.81 6.42
C GLY B 30 12.72 21.55 5.63
N LEU B 31 13.98 21.52 5.16
CA LEU B 31 14.51 20.44 4.34
C LEU B 31 15.12 19.32 5.17
N ASN B 32 15.12 19.49 6.50
CA ASN B 32 15.56 18.48 7.43
C ASN B 32 14.83 18.61 8.76
N VAL B 33 15.15 17.73 9.70
CA VAL B 33 14.41 17.71 10.94
C VAL B 33 14.66 19.02 11.73
N ASN B 34 15.89 19.47 11.80
CA ASN B 34 16.22 20.57 12.71
C ASN B 34 15.59 21.86 12.27
N SER B 35 15.66 22.17 10.98
CA SER B 35 15.05 23.39 10.48
C SER B 35 13.52 23.29 10.56
N SER B 36 12.93 22.13 10.20
CA SER B 36 11.49 21.96 10.27
C SER B 36 10.95 22.20 11.69
N TRP B 37 11.62 21.58 12.67
CA TRP B 37 11.13 21.59 14.04
C TRP B 37 11.31 22.96 14.66
N LYS B 38 12.44 23.63 14.41
CA LYS B 38 12.61 25.00 14.86
C LYS B 38 11.45 25.87 14.35
N ASN B 39 11.14 25.74 13.06
CA ASN B 39 10.05 26.54 12.50
C ASN B 39 8.66 26.22 13.05
N ILE B 40 8.37 24.94 13.22
CA ILE B 40 7.12 24.53 13.88
C ILE B 40 6.98 25.18 15.27
N VAL B 41 8.00 25.01 16.10
CA VAL B 41 7.98 25.50 17.48
C VAL B 41 7.90 27.04 17.53
N ASP B 42 8.58 27.70 16.59
CA ASP B 42 8.55 29.15 16.51
C ASP B 42 7.24 29.70 15.90
N GLY B 43 6.33 28.86 15.44
CA GLY B 43 5.06 29.34 14.92
C GLY B 43 5.12 29.81 13.47
N VAL B 44 6.11 29.32 12.71
CA VAL B 44 6.26 29.67 11.30
C VAL B 44 5.33 28.79 10.48
N SER B 45 4.73 29.37 9.45
CA SER B 45 3.84 28.66 8.54
C SER B 45 4.61 28.38 7.23
N GLY B 46 4.39 27.21 6.62
CA GLY B 46 4.96 26.94 5.30
C GLY B 46 3.99 26.96 4.13
N ILE B 47 2.84 27.59 4.33
CA ILE B 47 1.81 27.59 3.32
C ILE B 47 2.07 28.80 2.43
N LYS B 48 2.05 28.57 1.12
CA LYS B 48 2.38 29.57 0.11
C LYS B 48 1.50 29.55 -1.11
N THR B 49 1.65 30.59 -1.92
CA THR B 49 1.02 30.66 -3.22
C THR B 49 1.67 29.62 -4.18
N ILE B 50 0.85 28.87 -4.88
CA ILE B 50 1.33 27.97 -5.90
C ILE B 50 1.82 28.79 -7.06
N THR B 51 3.05 28.52 -7.51
CA THR B 51 3.58 29.22 -8.68
C THR B 51 4.03 28.31 -9.83
N GLU B 52 4.28 27.03 -9.59
CA GLU B 52 4.84 26.18 -10.65
C GLU B 52 3.84 25.81 -11.75
N PHE B 53 2.56 26.07 -11.57
CA PHE B 53 1.62 25.83 -12.65
C PHE B 53 0.51 26.82 -12.51
N ASP B 54 -0.27 26.93 -13.56
CA ASP B 54 -1.28 27.95 -13.70
C ASP B 54 -2.50 27.58 -12.86
N THR B 55 -2.84 28.44 -11.91
CA THR B 55 -3.93 28.19 -11.01
C THR B 55 -5.06 29.14 -11.27
N SER B 56 -5.02 29.85 -12.40
CA SER B 56 -6.04 30.88 -12.64
C SER B 56 -7.46 30.30 -12.66
N LYS B 57 -7.62 29.01 -12.95
CA LYS B 57 -8.97 28.43 -12.93
C LYS B 57 -9.24 27.54 -11.75
N LEU B 58 -8.31 27.48 -10.81
CA LEU B 58 -8.47 26.68 -9.61
C LEU B 58 -8.91 27.57 -8.46
N ALA B 59 -9.95 27.13 -7.77
CA ALA B 59 -10.52 27.88 -6.66
C ALA B 59 -9.60 27.92 -5.45
N CYS B 60 -8.74 26.94 -5.31
CA CYS B 60 -7.72 26.96 -4.28
C CYS B 60 -6.37 27.21 -4.95
N LYS B 61 -5.64 28.22 -4.47
CA LYS B 61 -4.43 28.67 -5.13
C LYS B 61 -3.20 28.57 -4.22
N ILE B 62 -3.32 27.85 -3.12
CA ILE B 62 -2.26 27.80 -2.13
C ILE B 62 -1.94 26.36 -1.71
N ALA B 63 -0.78 26.18 -1.11
CA ALA B 63 -0.38 24.87 -0.62
C ALA B 63 0.83 24.98 0.25
N GLY B 64 1.06 23.94 1.04
CA GLY B 64 2.28 23.75 1.81
C GLY B 64 3.30 23.18 0.87
N LEU B 65 4.30 23.99 0.53
CA LEU B 65 5.23 23.63 -0.51
C LEU B 65 6.67 23.64 -0.04
N ILE B 66 7.42 22.67 -0.56
CA ILE B 66 8.85 22.56 -0.28
C ILE B 66 9.59 23.71 -0.97
N ASP B 67 10.50 24.35 -0.25
CA ASP B 67 11.28 25.44 -0.82
C ASP B 67 12.03 24.93 -2.05
N ASN B 68 11.93 25.66 -3.15
CA ASN B 68 12.71 25.32 -4.33
C ASN B 68 13.51 26.53 -4.87
N SER B 69 13.92 27.43 -4.00
CA SER B 69 14.78 28.52 -4.41
C SER B 69 16.13 27.97 -4.91
N GLU B 70 16.78 28.75 -5.79
CA GLU B 70 18.08 28.40 -6.37
C GLU B 70 19.09 28.12 -5.27
N LYS B 71 19.21 29.05 -4.33
CA LYS B 71 20.24 28.98 -3.30
C LYS B 71 19.89 27.95 -2.23
N ASP B 72 18.77 28.09 -1.54
CA ASP B 72 18.49 27.24 -0.38
C ASP B 72 17.58 26.06 -0.59
N GLY B 73 17.10 25.88 -1.81
CA GLY B 73 16.03 24.94 -2.09
C GLY B 73 16.37 23.48 -2.12
N PHE B 74 15.35 22.68 -2.20
CA PHE B 74 15.46 21.23 -2.21
C PHE B 74 16.21 20.78 -3.44
N LYS B 75 17.26 19.97 -3.26
CA LYS B 75 18.07 19.50 -4.41
C LYS B 75 18.50 18.07 -4.15
N LEU B 76 18.42 17.25 -5.20
CA LEU B 76 18.82 15.86 -5.10
C LEU B 76 20.29 15.71 -4.65
N GLU B 77 21.13 16.64 -5.09
CA GLU B 77 22.59 16.62 -4.82
C GLU B 77 22.86 16.74 -3.36
N ASN B 78 21.97 17.37 -2.60
CA ASN B 78 22.13 17.49 -1.14
C ASN B 78 22.15 16.15 -0.40
N PHE B 79 21.59 15.10 -0.99
CA PHE B 79 21.52 13.79 -0.31
C PHE B 79 21.80 12.57 -1.21
N THR B 80 22.25 12.81 -2.45
CA THR B 80 22.44 11.74 -3.44
C THR B 80 23.84 11.88 -4.07
N GLN B 81 24.63 10.79 -4.08
CA GLN B 81 25.94 10.74 -4.76
C GLN B 81 25.75 11.05 -6.25
N ALA B 82 26.74 11.72 -6.83
CA ALA B 82 26.77 12.06 -8.25
C ALA B 82 26.31 10.93 -9.18
N ASP B 83 26.79 9.71 -8.96
CA ASP B 83 26.44 8.56 -9.83
C ASP B 83 24.95 8.19 -9.82
N ASP B 84 24.24 8.46 -8.73
CA ASP B 84 22.85 8.08 -8.59
C ASP B 84 21.86 9.17 -8.91
N ILE B 85 22.31 10.40 -9.18
CA ILE B 85 21.40 11.51 -9.38
C ILE B 85 20.48 11.29 -10.59
N ASN B 86 21.06 10.88 -11.71
CA ASN B 86 20.30 10.71 -12.94
C ASN B 86 19.06 9.81 -12.80
N ARG B 87 19.26 8.60 -12.31
CA ARG B 87 18.17 7.67 -12.11
C ARG B 87 17.13 8.24 -11.14
N LEU B 88 17.57 8.83 -10.04
CA LEU B 88 16.64 9.36 -9.06
C LEU B 88 15.77 10.47 -9.66
N SER B 89 16.39 11.25 -10.54
CA SER B 89 15.67 12.38 -11.11
C SER B 89 14.50 11.96 -12.02
N LYS B 90 14.52 10.72 -12.51
CA LYS B 90 13.47 10.20 -13.40
C LYS B 90 12.22 9.82 -12.62
N MET B 91 12.39 9.63 -11.32
CA MET B 91 11.30 9.19 -10.46
C MET B 91 10.36 10.36 -10.13
N ASP B 92 9.13 10.05 -9.73
CA ASP B 92 8.22 11.08 -9.24
C ASP B 92 8.78 11.77 -8.00
N LYS B 93 8.45 13.04 -7.86
CA LYS B 93 8.84 13.79 -6.67
C LYS B 93 8.49 13.16 -5.34
N PHE B 94 7.40 12.39 -5.25
CA PHE B 94 7.11 11.75 -3.95
C PHE B 94 8.30 10.88 -3.58
N ILE B 95 8.95 10.29 -4.59
CA ILE B 95 10.09 9.44 -4.34
C ILE B 95 11.31 10.29 -3.96
N HIS B 96 11.49 11.42 -4.63
CA HIS B 96 12.56 12.33 -4.25
C HIS B 96 12.45 12.67 -2.75
N TYR B 97 11.26 13.07 -2.34
CA TYR B 97 11.04 13.51 -0.98
C TYR B 97 11.26 12.37 0.00
N GLY B 98 10.75 11.21 -0.37
CA GLY B 98 10.85 10.00 0.46
C GLY B 98 12.27 9.56 0.64
N VAL B 99 13.04 9.57 -0.44
CA VAL B 99 14.44 9.17 -0.38
C VAL B 99 15.23 10.18 0.43
N ALA B 100 14.93 11.47 0.29
CA ALA B 100 15.61 12.48 1.09
C ALA B 100 15.32 12.31 2.59
N ALA B 101 14.06 12.09 2.96
CA ALA B 101 13.72 11.88 4.38
C ALA B 101 14.34 10.57 4.96
N ALA B 102 14.31 9.50 4.18
CA ALA B 102 14.86 8.26 4.61
C ALA B 102 16.35 8.34 4.74
N THR B 103 16.98 9.09 3.85
CA THR B 103 18.43 9.25 3.91
C THR B 103 18.79 9.93 5.22
N GLU B 104 18.09 11.01 5.54
CA GLU B 104 18.31 11.70 6.79
C GLU B 104 18.10 10.75 8.01
N ALA B 105 17.00 10.02 7.99
CA ALA B 105 16.68 9.10 9.10
C ALA B 105 17.75 8.03 9.26
N VAL B 106 18.16 7.43 8.15
CA VAL B 106 19.16 6.40 8.21
C VAL B 106 20.45 6.96 8.76
N GLU B 107 20.91 8.08 8.20
CA GLU B 107 22.15 8.70 8.67
C GLU B 107 22.04 9.15 10.14
N ASP B 108 20.89 9.70 10.55
CA ASP B 108 20.67 10.08 11.93
C ASP B 108 20.83 8.84 12.86
N SER B 109 20.30 7.69 12.42
CA SER B 109 20.34 6.47 13.23
C SER B 109 21.71 5.81 13.29
N GLY B 110 22.60 6.16 12.35
CA GLY B 110 23.90 5.49 12.24
C GLY B 110 23.80 4.05 11.71
N TRP B 111 22.63 3.63 11.24
CA TRP B 111 22.46 2.24 10.85
C TRP B 111 22.84 2.08 9.37
N LEU B 112 24.06 1.66 9.16
CA LEU B 112 24.60 1.43 7.83
C LEU B 112 25.23 0.03 7.83
N PRO B 113 24.45 -1.03 7.95
CA PRO B 113 24.99 -2.38 8.02
C PRO B 113 25.81 -2.76 6.80
N ASP B 114 26.90 -3.47 7.04
CA ASP B 114 27.68 -4.01 5.96
C ASP B 114 27.94 -5.50 6.20
N ASP B 115 27.00 -6.20 6.82
CA ASP B 115 27.06 -7.62 6.82
C ASP B 115 25.71 -8.16 6.45
N GLU B 116 25.72 -9.40 5.97
CA GLU B 116 24.52 -9.99 5.43
C GLU B 116 23.37 -10.11 6.45
N LYS B 117 23.64 -10.66 7.62
CA LYS B 117 22.59 -10.81 8.60
C LYS B 117 21.93 -9.48 8.94
N SER B 118 22.73 -8.46 9.18
CA SER B 118 22.17 -7.15 9.58
C SER B 118 21.34 -6.56 8.43
N ARG B 119 21.79 -6.71 7.18
CA ARG B 119 21.02 -6.24 6.03
C ARG B 119 19.68 -7.02 5.86
N ASP B 120 19.74 -8.36 6.00
CA ASP B 120 18.57 -9.20 5.89
C ASP B 120 17.56 -8.92 7.00
N ARG B 121 18.01 -8.40 8.14
CA ARG B 121 17.12 -8.11 9.27
C ARG B 121 16.64 -6.66 9.24
N THR B 122 16.95 -5.95 8.15
CA THR B 122 16.47 -4.61 7.96
C THR B 122 15.39 -4.62 6.86
N GLY B 123 14.17 -4.20 7.20
CA GLY B 123 13.08 -4.06 6.26
C GLY B 123 12.59 -2.60 6.15
N LEU B 124 11.60 -2.40 5.29
CA LEU B 124 11.06 -1.09 4.97
C LEU B 124 9.54 -1.18 4.77
N ILE B 125 8.84 -0.19 5.31
CA ILE B 125 7.45 0.02 5.03
C ILE B 125 7.32 1.53 4.78
N LEU B 126 7.39 1.89 3.52
CA LEU B 126 7.31 3.28 3.07
C LEU B 126 6.13 3.41 2.11
N GLY B 127 5.28 4.41 2.37
CA GLY B 127 4.08 4.57 1.56
C GLY B 127 3.84 5.99 1.05
N SER B 128 2.73 6.11 0.31
CA SER B 128 2.19 7.35 -0.17
C SER B 128 0.67 7.12 -0.27
N GLY B 129 -0.12 8.19 -0.15
CA GLY B 129 -1.57 8.08 -0.34
C GLY B 129 -1.98 7.97 -1.80
N ILE B 130 -1.40 8.84 -2.60
CA ILE B 130 -1.69 8.91 -4.03
C ILE B 130 -0.47 8.51 -4.84
N GLY B 131 0.75 8.73 -4.35
CA GLY B 131 1.93 8.29 -5.10
C GLY B 131 2.27 9.19 -6.29
N GLY B 132 2.50 8.58 -7.45
CA GLY B 132 3.14 9.28 -8.58
C GLY B 132 2.14 10.01 -9.46
N LEU B 133 1.40 10.92 -8.83
CA LEU B 133 0.32 11.61 -9.47
C LEU B 133 0.79 12.50 -10.64
N LYS B 134 1.81 13.33 -10.39
CA LYS B 134 2.38 14.21 -11.43
C LYS B 134 2.96 13.37 -12.58
N MET B 135 3.65 12.29 -12.24
CA MET B 135 4.28 11.44 -13.24
C MET B 135 3.19 10.88 -14.15
N ILE B 136 2.09 10.38 -13.58
CA ILE B 136 1.02 9.76 -14.37
C ILE B 136 0.28 10.83 -15.16
N GLU B 137 -0.05 11.94 -14.52
CA GLU B 137 -0.70 13.08 -15.16
C GLU B 137 0.13 13.60 -16.35
N ASP B 138 1.39 13.94 -16.12
CA ASP B 138 2.25 14.47 -17.18
C ASP B 138 2.45 13.46 -18.28
N THR B 139 2.64 12.20 -17.90
CA THR B 139 2.99 11.17 -18.90
C THR B 139 1.77 10.91 -19.78
N SER B 140 0.61 10.88 -19.17
CA SER B 140 -0.65 10.69 -19.88
C SER B 140 -0.96 11.80 -20.87
N ILE B 141 -0.77 13.04 -20.45
CA ILE B 141 -1.03 14.18 -21.30
C ILE B 141 -0.03 14.21 -22.46
N LYS B 142 1.23 13.97 -22.15
CA LYS B 142 2.27 13.96 -23.19
C LYS B 142 2.03 12.85 -24.23
N LEU B 143 1.65 11.65 -23.77
CA LEU B 143 1.32 10.56 -24.70
C LEU B 143 0.13 10.93 -25.59
N TYR B 144 -0.90 11.54 -24.99
CA TYR B 144 -2.02 12.04 -25.74
C TYR B 144 -1.57 13.07 -26.80
N GLN B 145 -0.62 13.95 -26.43
CA GLN B 145 -0.09 14.99 -27.36
C GLN B 145 0.76 14.44 -28.52
N GLU B 146 1.71 13.56 -28.19
CA GLU B 146 2.62 13.03 -29.19
C GLU B 146 1.98 11.94 -30.01
N ASN B 147 1.06 11.19 -29.39
CA ASN B 147 0.29 10.15 -30.08
C ASN B 147 1.19 9.23 -30.97
N ASN B 148 2.28 8.75 -30.37
CA ASN B 148 3.26 7.89 -31.03
C ASN B 148 3.42 6.54 -30.28
N GLY B 149 2.57 6.26 -29.30
CA GLY B 149 2.70 5.04 -28.48
C GLY B 149 3.95 4.86 -27.62
N LYS B 150 4.66 5.97 -27.33
CA LYS B 150 5.95 5.87 -26.67
C LYS B 150 5.93 6.72 -25.41
N VAL B 151 6.38 6.14 -24.29
CA VAL B 151 6.64 6.90 -23.07
C VAL B 151 8.06 6.57 -22.62
N SER B 152 8.55 7.29 -21.61
CA SER B 152 9.86 7.00 -21.05
C SER B 152 9.94 5.56 -20.57
N PRO B 153 11.08 4.91 -20.79
CA PRO B 153 11.35 3.62 -20.16
C PRO B 153 11.22 3.69 -18.65
N PHE B 154 11.43 4.87 -18.04
CA PHE B 154 11.32 4.98 -16.58
C PHE B 154 9.88 5.16 -16.03
N PHE B 155 8.87 5.27 -16.89
CA PHE B 155 7.53 5.65 -16.45
C PHE B 155 6.95 4.76 -15.36
N ILE B 156 6.98 3.45 -15.57
CA ILE B 156 6.39 2.53 -14.58
C ILE B 156 7.08 2.62 -13.19
N PRO B 157 8.39 2.35 -13.10
CA PRO B 157 9.00 2.45 -11.78
C PRO B 157 8.89 3.84 -11.18
N ALA B 158 8.95 4.87 -12.02
CA ALA B 158 8.84 6.25 -11.51
C ALA B 158 7.50 6.53 -10.86
N SER B 159 6.49 5.74 -11.22
CA SER B 159 5.11 5.98 -10.80
C SER B 159 4.69 5.07 -9.65
N LEU B 160 5.44 4.00 -9.41
CA LEU B 160 4.99 2.95 -8.47
C LEU B 160 5.25 3.35 -7.02
N ILE B 161 4.20 3.28 -6.20
CA ILE B 161 4.35 3.62 -4.79
C ILE B 161 5.50 2.86 -4.14
N ASN B 162 5.66 1.58 -4.49
CA ASN B 162 6.67 0.77 -3.82
C ASN B 162 8.13 1.01 -4.24
N LEU B 163 8.34 1.85 -5.23
CA LEU B 163 9.70 2.16 -5.65
C LEU B 163 10.42 3.14 -4.71
N LEU B 164 9.69 3.71 -3.78
CA LEU B 164 10.33 4.45 -2.70
C LEU B 164 11.08 3.44 -1.81
N SER B 165 10.35 2.43 -1.31
CA SER B 165 10.98 1.33 -0.58
C SER B 165 12.08 0.68 -1.46
N GLY B 166 11.80 0.47 -2.74
CA GLY B 166 12.79 -0.08 -3.65
C GLY B 166 14.13 0.67 -3.66
N LEU B 167 14.08 1.99 -3.86
CA LEU B 167 15.29 2.78 -4.00
C LEU B 167 16.06 2.92 -2.68
N VAL B 168 15.37 3.01 -1.55
CA VAL B 168 16.02 3.12 -0.27
C VAL B 168 16.67 1.78 -0.01
N SER B 169 15.99 0.68 -0.33
CA SER B 169 16.55 -0.65 -0.18
CA SER B 169 16.58 -0.64 -0.14
C SER B 169 17.84 -0.79 -0.99
N ILE B 170 17.78 -0.34 -2.24
CA ILE B 170 18.95 -0.42 -3.08
C ILE B 170 20.10 0.43 -2.52
N LYS B 171 19.77 1.63 -2.04
CA LYS B 171 20.75 2.55 -1.58
C LYS B 171 21.59 1.95 -0.46
N TYR B 172 20.93 1.29 0.49
CA TYR B 172 21.62 0.83 1.71
C TYR B 172 21.79 -0.70 1.76
N GLY B 173 21.36 -1.41 0.76
CA GLY B 173 21.37 -2.87 0.82
C GLY B 173 20.39 -3.54 1.77
N PHE B 174 19.32 -2.85 2.18
CA PHE B 174 18.38 -3.45 3.12
C PHE B 174 17.56 -4.53 2.38
N SER B 175 17.67 -5.78 2.83
CA SER B 175 17.17 -6.92 2.10
C SER B 175 16.11 -7.71 2.87
N GLY B 176 15.63 -7.13 3.96
CA GLY B 176 14.46 -7.65 4.68
C GLY B 176 13.16 -7.35 3.93
N PRO B 177 12.00 -7.49 4.63
CA PRO B 177 10.72 -7.18 3.97
C PRO B 177 10.73 -5.82 3.27
N ASN B 178 10.27 -5.80 2.02
CA ASN B 178 10.26 -4.60 1.19
C ASN B 178 8.80 -4.31 0.84
N GLN B 179 8.16 -3.51 1.68
CA GLN B 179 6.72 -3.36 1.66
C GLN B 179 6.32 -1.88 1.81
N THR B 180 5.02 -1.66 1.77
CA THR B 180 4.40 -0.36 1.84
C THR B 180 3.15 -0.40 2.72
N ALA B 181 2.64 0.79 3.08
CA ALA B 181 1.26 0.96 3.49
C ALA B 181 0.71 2.04 2.59
N VAL B 182 -0.54 1.91 2.17
CA VAL B 182 -1.22 2.90 1.33
C VAL B 182 -2.66 3.01 1.84
N THR B 183 -2.91 4.05 2.64
CA THR B 183 -4.20 4.20 3.30
C THR B 183 -4.55 5.68 3.36
N ALA B 184 -4.46 6.32 2.20
CA ALA B 184 -4.86 7.71 2.04
C ALA B 184 -4.20 8.57 3.10
N CYS B 185 -4.97 9.40 3.80
CA CYS B 185 -4.41 10.34 4.78
C CYS B 185 -3.91 9.68 6.10
N SER B 186 -4.05 8.35 6.23
CA SER B 186 -3.51 7.66 7.39
C SER B 186 -2.18 6.91 7.09
N THR B 187 -1.75 6.98 5.83
CA THR B 187 -0.67 6.14 5.30
C THR B 187 0.59 6.09 6.19
N GLY B 188 1.10 7.27 6.53
CA GLY B 188 2.35 7.38 7.27
C GLY B 188 2.25 6.75 8.66
N ALA B 189 1.06 6.82 9.24
CA ALA B 189 0.81 6.21 10.54
C ALA B 189 0.71 4.67 10.46
N HIS B 190 -0.06 4.19 9.50
CA HIS B 190 -0.10 2.75 9.31
C HIS B 190 1.29 2.18 8.99
N ALA B 191 2.07 2.87 8.16
CA ALA B 191 3.40 2.38 7.84
C ALA B 191 4.26 2.16 9.11
N ILE B 192 4.27 3.17 9.98
CA ILE B 192 5.01 3.13 11.22
C ILE B 192 4.45 2.07 12.22
N GLY B 193 3.14 2.02 12.37
CA GLY B 193 2.53 1.01 13.19
C GLY B 193 2.83 -0.40 12.69
N ASP B 194 2.62 -0.64 11.41
CA ASP B 194 2.94 -1.94 10.82
C ASP B 194 4.43 -2.31 10.95
N ALA B 195 5.31 -1.34 10.75
CA ALA B 195 6.75 -1.56 10.93
C ALA B 195 7.07 -1.92 12.41
N MET B 196 6.40 -1.26 13.34
CA MET B 196 6.55 -1.61 14.75
C MET B 196 6.13 -3.05 15.01
N ARG B 197 4.99 -3.46 14.46
CA ARG B 197 4.47 -4.82 14.64
C ARG B 197 5.43 -5.84 14.06
N MET B 198 6.03 -5.51 12.93
CA MET B 198 7.01 -6.40 12.31
C MET B 198 8.22 -6.70 13.25
N ILE B 199 8.72 -5.67 13.93
CA ILE B 199 9.78 -5.81 14.88
C ILE B 199 9.29 -6.50 16.14
N LYS B 200 8.14 -6.07 16.64
CA LYS B 200 7.53 -6.64 17.87
C LYS B 200 7.49 -8.15 17.81
N HIS B 201 7.11 -8.67 16.64
CA HIS B 201 6.90 -10.11 16.47
C HIS B 201 8.09 -10.81 15.86
N GLY B 202 9.21 -10.11 15.74
CA GLY B 202 10.47 -10.79 15.55
C GLY B 202 10.88 -10.98 14.11
N TYR B 203 10.16 -10.35 13.18
CA TYR B 203 10.46 -10.53 11.76
C TYR B 203 11.51 -9.61 11.22
N ALA B 204 11.94 -8.65 12.02
CA ALA B 204 12.96 -7.71 11.58
C ALA B 204 13.56 -7.07 12.83
N ASP B 205 14.82 -6.68 12.74
CA ASP B 205 15.46 -5.95 13.84
C ASP B 205 15.42 -4.45 13.64
N VAL B 206 15.42 -4.01 12.39
CA VAL B 206 15.36 -2.56 12.05
C VAL B 206 14.36 -2.37 10.91
N MET B 207 13.56 -1.30 10.98
CA MET B 207 12.64 -0.97 9.90
C MET B 207 12.70 0.51 9.54
N ILE B 208 12.69 0.75 8.24
CA ILE B 208 12.64 2.09 7.73
C ILE B 208 11.19 2.33 7.38
N ALA B 209 10.56 3.30 8.04
CA ALA B 209 9.12 3.46 7.87
C ALA B 209 8.62 4.89 7.83
N GLY B 210 7.54 5.09 7.05
CA GLY B 210 6.89 6.40 6.96
C GLY B 210 6.15 6.60 5.63
N GLY B 211 5.98 7.85 5.27
CA GLY B 211 5.21 8.26 4.10
C GLY B 211 5.80 9.49 3.41
N ALA B 212 5.45 9.61 2.13
CA ALA B 212 5.86 10.69 1.28
C ALA B 212 4.72 11.02 0.28
N GLU B 213 4.59 12.28 -0.06
CA GLU B 213 3.52 12.74 -0.94
C GLU B 213 3.95 13.99 -1.72
N ALA B 214 3.55 14.05 -2.99
CA ALA B 214 3.70 15.22 -3.86
C ALA B 214 2.41 15.39 -4.66
N PRO B 215 1.35 15.84 -4.00
CA PRO B 215 0.04 15.77 -4.59
C PRO B 215 -0.40 17.08 -5.20
N VAL B 216 0.44 18.11 -5.10
CA VAL B 216 0.03 19.47 -5.55
C VAL B 216 0.31 19.60 -7.05
N THR B 217 -0.65 19.10 -7.83
CA THR B 217 -0.64 19.17 -9.29
C THR B 217 -2.01 19.71 -9.72
N PRO B 218 -2.13 20.08 -11.00
CA PRO B 218 -3.42 20.61 -11.47
C PRO B 218 -4.59 19.64 -11.20
N VAL B 219 -4.43 18.36 -11.54
CA VAL B 219 -5.54 17.41 -11.39
C VAL B 219 -5.74 17.09 -9.89
N GLY B 220 -4.65 17.11 -9.11
CA GLY B 220 -4.70 16.90 -7.66
C GLY B 220 -5.47 17.97 -6.91
N VAL B 221 -5.11 19.24 -7.14
CA VAL B 221 -5.85 20.35 -6.56
C VAL B 221 -7.30 20.37 -7.09
N ALA B 222 -7.49 20.22 -8.41
CA ALA B 222 -8.86 20.19 -8.96
C ALA B 222 -9.70 19.07 -8.30
N GLY B 223 -9.08 17.92 -8.09
CA GLY B 223 -9.75 16.78 -7.44
C GLY B 223 -10.26 17.11 -6.06
N PHE B 224 -9.39 17.68 -5.23
CA PHE B 224 -9.79 18.03 -3.88
C PHE B 224 -10.76 19.23 -3.84
N VAL B 225 -10.60 20.17 -4.77
CA VAL B 225 -11.59 21.24 -4.89
C VAL B 225 -12.96 20.63 -5.20
N ALA B 226 -12.97 19.63 -6.10
CA ALA B 226 -14.25 19.07 -6.55
C ALA B 226 -14.90 18.28 -5.44
N ALA B 227 -14.10 17.66 -4.60
CA ALA B 227 -14.58 16.97 -3.39
C ALA B 227 -14.99 17.97 -2.31
N ARG B 228 -14.84 19.27 -2.56
CA ARG B 228 -15.12 20.34 -1.59
C ARG B 228 -14.29 20.21 -0.29
N ALA B 229 -13.08 19.67 -0.39
CA ALA B 229 -12.24 19.39 0.76
C ALA B 229 -11.34 20.56 1.15
N LEU B 230 -11.11 21.51 0.23
CA LEU B 230 -10.07 22.54 0.41
C LEU B 230 -10.57 23.91 0.80
N CYS B 231 -9.78 24.59 1.64
CA CYS B 231 -10.01 26.02 1.90
C CYS B 231 -9.79 26.86 0.64
N THR B 232 -10.79 27.58 0.20
CA THR B 232 -10.68 28.37 -1.02
C THR B 232 -10.82 29.86 -0.75
N LYS B 233 -10.93 30.25 0.50
CA LYS B 233 -11.23 31.65 0.82
C LYS B 233 -10.05 32.46 1.44
N TYR B 234 -8.87 31.87 1.55
CA TYR B 234 -7.72 32.62 2.06
C TYR B 234 -6.57 32.68 1.06
N ASN B 235 -6.89 32.70 -0.23
CA ASN B 235 -5.84 32.66 -1.26
C ASN B 235 -4.92 33.93 -1.21
N ASP B 236 -5.43 35.05 -0.74
CA ASP B 236 -4.59 36.24 -0.57
C ASP B 236 -3.73 36.21 0.70
N ASN B 237 -4.09 35.39 1.68
CA ASN B 237 -3.36 35.33 2.95
C ASN B 237 -3.18 33.84 3.30
N PRO B 238 -2.33 33.14 2.51
CA PRO B 238 -2.16 31.69 2.59
C PRO B 238 -1.87 31.18 3.97
N LYS B 239 -1.09 31.94 4.74
CA LYS B 239 -0.71 31.49 6.07
C LYS B 239 -1.86 31.54 7.10
N LYS B 240 -3.00 32.12 6.73
CA LYS B 240 -4.20 32.15 7.57
C LYS B 240 -5.25 31.07 7.24
N ALA B 241 -5.01 30.31 6.17
CA ALA B 241 -6.00 29.35 5.67
C ALA B 241 -6.24 28.11 6.58
N SER B 242 -5.17 27.51 7.07
CA SER B 242 -5.25 26.29 7.85
C SER B 242 -5.46 26.65 9.32
N ARG B 243 -6.69 26.47 9.79
CA ARG B 243 -7.11 26.99 11.10
C ARG B 243 -7.98 25.96 11.89
N PRO B 244 -7.37 24.81 12.25
CA PRO B 244 -8.09 23.75 12.91
C PRO B 244 -8.84 24.23 14.15
N TRP B 245 -10.10 23.83 14.20
CA TRP B 245 -11.05 24.14 15.27
C TRP B 245 -11.43 25.59 15.39
N ASP B 246 -10.98 26.42 14.44
CA ASP B 246 -11.38 27.82 14.38
C ASP B 246 -12.75 27.94 13.72
N LYS B 247 -13.55 28.86 14.19
CA LYS B 247 -14.88 29.09 13.61
C LYS B 247 -14.85 29.52 12.15
N ASP B 248 -13.76 30.11 11.66
CA ASP B 248 -13.65 30.44 10.24
C ASP B 248 -13.01 29.35 9.38
N ARG B 249 -12.79 28.17 9.94
CA ARG B 249 -12.22 27.08 9.14
C ARG B 249 -13.20 26.72 8.03
N SER B 250 -12.68 26.31 6.88
CA SER B 250 -13.53 25.91 5.75
C SER B 250 -12.85 24.93 4.79
N GLY B 251 -11.99 24.07 5.32
CA GLY B 251 -11.35 23.04 4.52
C GLY B 251 -9.84 23.01 4.70
N PHE B 252 -9.23 21.88 4.35
CA PHE B 252 -7.79 21.73 4.50
C PHE B 252 -6.98 22.40 3.38
N VAL B 253 -5.68 22.53 3.63
CA VAL B 253 -4.72 23.01 2.65
C VAL B 253 -3.81 21.84 2.34
N MET B 254 -3.65 21.55 1.05
CA MET B 254 -2.79 20.48 0.64
C MET B 254 -1.34 20.89 0.85
N GLY B 255 -0.52 19.88 1.17
CA GLY B 255 0.90 20.01 1.27
C GLY B 255 1.66 18.82 0.74
N GLU B 256 2.98 18.98 0.69
CA GLU B 256 3.87 17.97 0.14
C GLU B 256 5.06 17.81 1.05
N GLY B 257 5.65 16.62 1.00
CA GLY B 257 6.89 16.32 1.73
C GLY B 257 6.96 14.87 2.15
N ALA B 258 7.78 14.60 3.15
CA ALA B 258 7.96 13.27 3.65
C ALA B 258 8.46 13.27 5.09
N GLY B 259 8.16 12.18 5.76
CA GLY B 259 8.58 11.90 7.11
C GLY B 259 8.90 10.42 7.18
N VAL B 260 10.12 10.12 7.59
CA VAL B 260 10.61 8.77 7.68
C VAL B 260 11.35 8.57 8.99
N VAL B 261 11.13 7.43 9.61
CA VAL B 261 11.81 7.05 10.84
C VAL B 261 12.52 5.71 10.71
N VAL B 262 13.54 5.53 11.55
CA VAL B 262 14.10 4.24 11.83
C VAL B 262 13.54 3.74 13.14
N LEU B 263 12.87 2.58 13.05
CA LEU B 263 12.46 1.79 14.22
C LEU B 263 13.40 0.59 14.42
N GLU B 264 13.56 0.20 15.67
CA GLU B 264 14.57 -0.77 16.01
C GLU B 264 14.21 -1.51 17.28
N GLU B 265 14.51 -2.79 17.28
CA GLU B 265 14.29 -3.60 18.48
C GLU B 265 15.19 -3.05 19.60
N TYR B 266 14.64 -2.96 20.80
CA TYR B 266 15.25 -2.17 21.85
C TYR B 266 16.63 -2.65 22.28
N GLU B 267 16.80 -3.94 22.54
CA GLU B 267 18.13 -4.44 22.93
C GLU B 267 19.17 -4.16 21.82
N HIS B 268 18.80 -4.47 20.58
CA HIS B 268 19.62 -4.21 19.38
C HIS B 268 20.10 -2.75 19.32
N ALA B 269 19.18 -1.83 19.54
CA ALA B 269 19.55 -0.41 19.59
C ALA B 269 20.54 -0.07 20.70
N LEU B 270 20.25 -0.54 21.91
CA LEU B 270 21.12 -0.30 23.05
C LEU B 270 22.49 -0.91 22.82
N ASN B 271 22.52 -2.13 22.33
CA ASN B 271 23.78 -2.86 22.12
C ASN B 271 24.77 -2.14 21.17
N ARG B 272 24.28 -1.41 20.19
CA ARG B 272 25.15 -0.70 19.26
C ARG B 272 25.31 0.80 19.61
N GLY B 273 24.76 1.23 20.76
CA GLY B 273 24.85 2.64 21.15
C GLY B 273 23.99 3.59 20.32
N ALA B 274 22.86 3.14 19.81
CA ALA B 274 21.98 4.00 19.03
C ALA B 274 21.41 5.17 19.83
N LYS B 275 21.09 6.27 19.17
CA LYS B 275 20.26 7.30 19.76
C LYS B 275 18.87 6.74 19.95
N VAL B 276 18.22 7.02 21.08
CA VAL B 276 16.88 6.53 21.28
C VAL B 276 15.98 7.68 21.64
N TYR B 277 15.05 7.97 20.75
CA TYR B 277 14.15 9.10 20.92
C TYR B 277 12.94 8.79 21.83
N GLY B 278 12.53 7.52 21.87
CA GLY B 278 11.28 7.14 22.44
C GLY B 278 10.90 5.70 22.11
N GLU B 279 9.89 5.19 22.78
CA GLU B 279 9.42 3.86 22.51
C GLU B 279 8.01 3.90 21.90
N VAL B 280 7.79 3.09 20.86
CA VAL B 280 6.46 2.97 20.25
C VAL B 280 5.79 1.87 21.03
N ILE B 281 4.77 2.22 21.81
CA ILE B 281 4.11 1.25 22.71
C ILE B 281 2.66 0.90 22.38
N GLY B 282 2.01 1.70 21.54
CA GLY B 282 0.62 1.43 21.18
C GLY B 282 0.26 1.79 19.75
N TYR B 283 -0.58 0.97 19.15
CA TYR B 283 -1.02 1.12 17.74
C TYR B 283 -2.46 0.68 17.62
N GLY B 284 -3.31 1.62 17.23
CA GLY B 284 -4.72 1.33 16.95
C GLY B 284 -5.01 1.52 15.48
N SER B 285 -5.79 0.62 14.90
CA SER B 285 -6.14 0.67 13.50
C SER B 285 -7.57 0.17 13.28
N THR B 286 -8.45 1.05 12.79
CA THR B 286 -9.87 0.76 12.68
C THR B 286 -10.45 1.31 11.41
N GLY B 287 -11.70 0.92 11.14
CA GLY B 287 -12.44 1.46 10.01
C GLY B 287 -13.78 1.97 10.47
N ASP B 288 -14.19 3.10 9.88
CA ASP B 288 -15.52 3.68 10.11
C ASP B 288 -16.63 2.81 9.51
N ALA B 289 -16.29 2.14 8.39
CA ALA B 289 -17.26 1.42 7.58
C ALA B 289 -18.51 2.23 7.27
N TYR B 290 -18.35 3.49 6.88
CA TYR B 290 -19.49 4.42 6.78
C TYR B 290 -19.65 5.07 5.39
N HIS B 291 -18.62 5.73 4.89
CA HIS B 291 -18.72 6.50 3.67
C HIS B 291 -17.33 6.63 3.01
N MET B 292 -17.31 6.82 1.69
CA MET B 292 -16.06 6.98 0.94
C MET B 292 -15.18 8.15 1.37
N THR B 293 -15.82 9.26 1.73
CA THR B 293 -15.11 10.49 2.07
C THR B 293 -15.57 11.19 3.35
N ALA B 294 -16.81 11.00 3.77
CA ALA B 294 -17.33 11.63 4.97
C ALA B 294 -16.97 10.79 6.21
N PRO B 295 -16.58 11.45 7.31
CA PRO B 295 -16.23 10.75 8.55
C PRO B 295 -17.48 10.21 9.23
N HIS B 296 -17.31 9.14 10.01
CA HIS B 296 -18.39 8.58 10.82
C HIS B 296 -19.01 9.68 11.69
N PRO B 297 -20.33 9.78 11.65
CA PRO B 297 -20.95 10.92 12.33
C PRO B 297 -20.72 10.92 13.83
N GLU B 298 -20.56 9.76 14.41
CA GLU B 298 -20.31 9.62 15.83
C GLU B 298 -18.82 9.48 16.13
N GLY B 299 -17.97 9.61 15.12
CA GLY B 299 -16.54 9.39 15.30
C GLY B 299 -16.14 8.00 15.85
N ARG B 300 -16.94 6.99 15.57
CA ARG B 300 -16.77 5.69 16.18
C ARG B 300 -15.39 5.08 15.86
N GLY B 301 -14.97 5.15 14.60
CA GLY B 301 -13.68 4.65 14.18
C GLY B 301 -12.52 5.37 14.83
N ALA B 302 -12.62 6.69 14.90
CA ALA B 302 -11.56 7.53 15.46
C ALA B 302 -11.45 7.26 16.93
N TYR B 303 -12.59 7.24 17.62
CA TYR B 303 -12.61 6.94 19.04
C TYR B 303 -11.97 5.58 19.31
N ARG B 304 -12.37 4.56 18.55
CA ARG B 304 -11.87 3.23 18.78
C ARG B 304 -10.37 3.12 18.51
N ALA B 305 -9.87 3.81 17.49
CA ALA B 305 -8.43 3.77 17.19
C ALA B 305 -7.60 4.31 18.36
N MET B 306 -8.03 5.43 18.89
CA MET B 306 -7.37 6.04 20.04
C MET B 306 -7.43 5.09 21.24
N ARG B 307 -8.64 4.58 21.48
CA ARG B 307 -8.86 3.71 22.60
C ARG B 307 -8.02 2.46 22.51
N ASP B 308 -8.03 1.83 21.35
CA ASP B 308 -7.26 0.59 21.13
C ASP B 308 -5.77 0.83 21.21
N ALA B 309 -5.31 2.01 20.79
CA ALA B 309 -3.89 2.31 20.83
C ALA B 309 -3.41 2.29 22.27
N MET B 310 -4.24 2.83 23.16
CA MET B 310 -3.91 2.91 24.56
C MET B 310 -4.04 1.55 25.25
N LEU B 311 -5.07 0.80 24.90
CA LEU B 311 -5.21 -0.57 25.43
C LEU B 311 -4.01 -1.42 24.98
N ASP B 312 -3.59 -1.27 23.73
CA ASP B 312 -2.44 -1.96 23.16
C ASP B 312 -1.15 -1.61 23.97
N ALA B 313 -1.02 -0.33 24.35
CA ALA B 313 0.08 0.17 25.17
C ALA B 313 -0.01 -0.20 26.66
N THR B 314 -1.14 -0.76 27.07
CA THR B 314 -1.45 -0.97 28.50
C THR B 314 -1.31 0.32 29.29
N ILE B 315 -1.81 1.43 28.75
CA ILE B 315 -1.93 2.65 29.52
C ILE B 315 -3.40 3.10 29.61
N THR B 316 -3.63 4.07 30.47
CA THR B 316 -4.95 4.62 30.73
C THR B 316 -4.95 6.05 30.20
N PRO B 317 -6.15 6.63 29.95
CA PRO B 317 -6.13 7.93 29.25
C PRO B 317 -5.58 9.11 30.02
N ASP B 318 -5.59 9.03 31.35
CA ASP B 318 -4.95 10.06 32.18
C ASP B 318 -3.43 10.19 31.91
N MET B 319 -2.82 9.14 31.33
CA MET B 319 -1.36 9.12 31.19
C MET B 319 -0.87 9.94 30.01
N ILE B 320 -1.72 10.14 29.01
CA ILE B 320 -1.36 10.93 27.83
C ILE B 320 -1.11 12.38 28.25
N ASP B 321 -0.01 12.99 27.78
CA ASP B 321 0.27 14.39 28.06
C ASP B 321 -0.07 15.31 26.89
N TYR B 322 0.16 14.81 25.68
CA TYR B 322 0.00 15.59 24.47
C TYR B 322 -0.54 14.71 23.33
N ILE B 323 -1.45 15.28 22.54
CA ILE B 323 -2.09 14.63 21.39
C ILE B 323 -1.80 15.46 20.16
N ASN B 324 -1.15 14.85 19.19
CA ASN B 324 -1.00 15.49 17.89
C ASN B 324 -2.19 14.98 17.07
N ALA B 325 -3.13 15.89 16.89
CA ALA B 325 -4.39 15.62 16.22
C ALA B 325 -4.19 15.37 14.74
N HIS B 326 -5.20 14.78 14.12
CA HIS B 326 -5.30 14.80 12.69
C HIS B 326 -5.55 16.24 12.26
N GLY B 327 -6.62 16.82 12.79
CA GLY B 327 -6.80 18.28 12.78
C GLY B 327 -6.55 19.00 11.46
N THR B 328 -7.40 18.71 10.48
CA THR B 328 -7.15 19.18 9.12
C THR B 328 -7.66 20.55 8.78
N SER B 329 -8.50 21.14 9.63
CA SER B 329 -9.20 22.43 9.35
C SER B 329 -10.46 22.28 8.47
N THR B 330 -11.12 21.12 8.58
CA THR B 330 -12.45 20.91 8.01
C THR B 330 -13.54 21.19 9.04
N THR B 331 -14.73 21.55 8.54
CA THR B 331 -15.84 21.85 9.41
C THR B 331 -16.27 20.59 10.18
N LEU B 332 -16.59 19.55 9.45
CA LEU B 332 -17.07 18.29 10.03
C LEU B 332 -15.99 17.48 10.78
N GLY B 333 -14.89 17.23 10.09
CA GLY B 333 -13.78 16.44 10.62
C GLY B 333 -13.21 16.98 11.92
N ASP B 334 -12.96 18.30 12.00
CA ASP B 334 -12.36 18.84 13.21
C ASP B 334 -13.31 18.63 14.39
N GLY B 335 -14.61 18.87 14.17
CA GLY B 335 -15.61 18.76 15.21
C GLY B 335 -15.80 17.33 15.65
N ILE B 336 -15.77 16.40 14.70
CA ILE B 336 -15.95 14.98 15.02
C ILE B 336 -14.74 14.47 15.85
N GLU B 337 -13.52 14.87 15.46
CA GLU B 337 -12.31 14.48 16.18
C GLU B 337 -12.34 15.09 17.57
N LEU B 338 -12.68 16.37 17.65
CA LEU B 338 -12.72 17.06 18.94
C LEU B 338 -13.68 16.36 19.90
N ALA B 339 -14.87 16.00 19.42
CA ALA B 339 -15.85 15.30 20.29
C ALA B 339 -15.34 13.90 20.70
N ALA B 340 -14.73 13.17 19.78
CA ALA B 340 -14.14 11.85 20.14
C ALA B 340 -13.03 11.98 21.17
N VAL B 341 -12.13 12.93 20.99
CA VAL B 341 -11.07 13.20 21.96
C VAL B 341 -11.63 13.58 23.33
N GLN B 342 -12.59 14.49 23.35
CA GLN B 342 -13.12 14.96 24.62
C GLN B 342 -13.89 13.86 25.35
N LYS B 343 -14.62 13.05 24.61
CA LYS B 343 -15.29 11.89 25.16
C LYS B 343 -14.30 10.96 25.86
N LEU B 344 -13.17 10.71 25.21
CA LEU B 344 -12.18 9.78 25.74
C LEU B 344 -11.35 10.40 26.89
N PHE B 345 -11.05 11.70 26.81
CA PHE B 345 -10.02 12.31 27.67
C PHE B 345 -10.50 13.33 28.69
N LEU B 346 -11.64 13.96 28.45
CA LEU B 346 -12.00 15.14 29.24
C LEU B 346 -12.14 14.82 30.74
N GLU B 347 -12.85 13.76 31.09
CA GLU B 347 -13.11 13.43 32.49
C GLU B 347 -11.82 12.91 33.18
N ALA B 348 -11.01 12.11 32.49
CA ALA B 348 -9.83 11.49 33.12
C ALA B 348 -8.59 12.35 33.03
N ASN B 349 -8.61 13.31 32.12
CA ASN B 349 -7.42 14.06 31.84
C ASN B 349 -7.78 15.45 31.34
N PRO B 350 -8.40 16.25 32.20
CA PRO B 350 -8.87 17.55 31.76
C PRO B 350 -7.75 18.54 31.37
N LYS B 351 -6.51 18.30 31.81
CA LYS B 351 -5.36 19.16 31.49
C LYS B 351 -4.61 18.74 30.22
N VAL B 352 -5.07 17.72 29.51
CA VAL B 352 -4.32 17.22 28.35
C VAL B 352 -4.21 18.33 27.30
N LEU B 353 -3.07 18.37 26.63
CA LEU B 353 -2.84 19.29 25.52
C LEU B 353 -3.07 18.55 24.19
N MET B 354 -3.62 19.25 23.21
CA MET B 354 -3.81 18.72 21.86
C MET B 354 -3.56 19.84 20.86
N SER B 355 -2.82 19.56 19.80
CA SER B 355 -2.61 20.54 18.76
C SER B 355 -2.53 19.89 17.39
N SER B 356 -2.76 20.72 16.37
CA SER B 356 -2.59 20.29 14.99
C SER B 356 -1.46 21.06 14.37
N THR B 357 -0.45 20.31 13.95
CA THR B 357 0.63 20.93 13.21
C THR B 357 0.31 21.13 11.74
N LYS B 358 -0.86 20.66 11.30
CA LYS B 358 -1.31 21.00 9.94
C LYS B 358 -1.64 22.48 9.87
N SER B 359 -1.86 23.12 11.04
CA SER B 359 -1.99 24.57 11.11
C SER B 359 -0.77 25.32 10.50
N SER B 360 0.38 24.64 10.47
CA SER B 360 1.63 25.21 9.98
CA SER B 360 1.64 25.22 9.96
C SER B 360 2.01 24.75 8.57
N ILE B 361 1.95 23.45 8.33
CA ILE B 361 2.45 22.91 7.06
C ILE B 361 1.38 22.39 6.13
N GLY B 362 0.13 22.43 6.58
CA GLY B 362 -0.94 21.89 5.78
C GLY B 362 -1.05 20.39 5.93
N HIS B 363 -1.79 19.78 5.01
CA HIS B 363 -2.12 18.39 5.07
C HIS B 363 -1.28 17.64 4.04
N LEU B 364 -0.23 16.95 4.49
CA LEU B 364 0.66 16.23 3.59
C LEU B 364 0.15 14.84 3.16
N LEU B 365 -1.13 14.60 3.40
CA LEU B 365 -1.86 13.42 2.98
C LEU B 365 -1.15 12.17 3.48
N GLY B 366 -0.61 11.34 2.60
CA GLY B 366 0.03 10.09 3.07
C GLY B 366 1.28 10.31 3.90
N ALA B 367 1.87 11.52 3.81
CA ALA B 367 3.04 11.83 4.63
C ALA B 367 2.64 12.46 5.97
N ALA B 368 1.38 12.83 6.12
CA ALA B 368 0.98 13.54 7.33
C ALA B 368 1.27 12.76 8.60
N GLY B 369 0.90 11.49 8.59
CA GLY B 369 0.97 10.67 9.79
C GLY B 369 2.36 10.41 10.28
N SER B 370 3.31 10.31 9.35
CA SER B 370 4.68 10.05 9.71
C SER B 370 5.40 11.33 10.12
N VAL B 371 5.16 12.41 9.38
CA VAL B 371 5.66 13.70 9.74
C VAL B 371 5.20 14.08 11.16
N GLU B 372 3.94 13.83 11.43
CA GLU B 372 3.38 14.14 12.75
C GLU B 372 3.85 13.21 13.87
N PHE B 373 4.09 11.95 13.52
CA PHE B 373 4.76 11.02 14.42
C PHE B 373 6.14 11.56 14.85
N ILE B 374 6.89 12.10 13.90
CA ILE B 374 8.17 12.71 14.18
C ILE B 374 8.01 13.92 15.11
N PHE B 375 7.05 14.80 14.78
CA PHE B 375 6.81 15.96 15.63
C PHE B 375 6.47 15.53 17.07
N SER B 376 5.73 14.42 17.17
CA SER B 376 5.35 13.87 18.47
C SER B 376 6.58 13.43 19.29
N ALA B 377 7.52 12.76 18.62
CA ALA B 377 8.76 12.34 19.23
C ALA B 377 9.60 13.55 19.66
N LEU B 378 9.63 14.57 18.81
CA LEU B 378 10.37 15.80 19.14
C LEU B 378 9.71 16.59 20.28
N ALA B 379 8.39 16.54 20.40
CA ALA B 379 7.73 17.14 21.58
C ALA B 379 8.24 16.51 22.90
N ILE B 380 8.48 15.21 22.87
CA ILE B 380 9.03 14.51 24.01
C ILE B 380 10.46 14.95 24.22
N ARG B 381 11.25 14.98 23.14
CA ARG B 381 12.66 15.35 23.27
C ARG B 381 12.80 16.74 23.87
N ASP B 382 11.98 17.68 23.43
CA ASP B 382 12.17 19.09 23.82
C ASP B 382 11.16 19.56 24.89
N GLN B 383 10.28 18.66 25.33
CA GLN B 383 9.28 18.99 26.36
C GLN B 383 8.51 20.25 25.94
N ILE B 384 7.95 20.18 24.73
CA ILE B 384 7.21 21.29 24.18
C ILE B 384 6.15 20.81 23.22
N ALA B 385 4.97 21.41 23.33
CA ALA B 385 3.86 21.11 22.48
C ALA B 385 3.81 22.21 21.44
N PRO B 386 3.81 21.82 20.16
CA PRO B 386 3.73 22.78 19.09
C PRO B 386 2.34 23.41 19.01
N PRO B 387 2.25 24.64 18.49
CA PRO B 387 0.99 25.40 18.47
C PRO B 387 -0.03 25.00 17.41
N THR B 388 -1.30 25.24 17.70
CA THR B 388 -2.32 25.31 16.66
C THR B 388 -2.37 26.74 16.20
N LEU B 389 -1.71 27.02 15.07
CA LEU B 389 -1.75 28.34 14.48
C LEU B 389 -3.18 28.70 14.06
N ASN B 390 -3.45 30.00 13.99
CA ASN B 390 -4.71 30.54 13.47
C ASN B 390 -5.94 30.28 14.33
N LEU B 391 -5.74 29.73 15.53
CA LEU B 391 -6.86 29.46 16.43
C LEU B 391 -7.24 30.74 17.16
N ASP B 392 -7.91 31.61 16.42
CA ASP B 392 -8.28 32.94 16.89
C ASP B 392 -9.65 32.92 17.54
N THR B 393 -10.57 32.12 17.01
CA THR B 393 -11.95 32.09 17.48
C THR B 393 -12.38 30.62 17.64
N PRO B 394 -12.01 30.00 18.76
CA PRO B 394 -12.21 28.55 18.89
C PRO B 394 -13.70 28.17 18.81
N MET B 395 -14.00 27.03 18.17
CA MET B 395 -15.39 26.59 18.11
C MET B 395 -15.91 26.39 19.55
N ASP B 396 -17.23 26.52 19.73
CA ASP B 396 -17.84 26.55 21.05
C ASP B 396 -17.61 25.28 21.85
N GLU B 397 -17.48 24.15 21.16
CA GLU B 397 -17.37 22.86 21.79
C GLU B 397 -16.03 22.64 22.49
N VAL B 398 -15.07 23.52 22.26
CA VAL B 398 -13.72 23.30 22.79
C VAL B 398 -13.74 23.34 24.32
N ASN B 399 -13.19 22.32 24.96
CA ASN B 399 -13.10 22.26 26.41
C ASN B 399 -11.73 21.83 26.91
N ILE B 400 -10.75 21.78 26.02
CA ILE B 400 -9.39 21.45 26.41
C ILE B 400 -8.48 22.47 25.80
N ASP B 401 -7.23 22.43 26.25
CA ASP B 401 -6.18 23.29 25.76
C ASP B 401 -5.68 22.82 24.38
N LEU B 402 -5.94 23.62 23.35
CA LEU B 402 -5.53 23.28 21.98
C LEU B 402 -4.25 24.03 21.59
N VAL B 403 -3.52 24.53 22.60
CA VAL B 403 -2.22 25.15 22.38
C VAL B 403 -2.35 26.22 21.29
N ALA B 404 -3.38 27.06 21.41
CA ALA B 404 -3.62 28.11 20.42
C ALA B 404 -2.42 29.03 20.27
N LEU B 405 -2.03 29.28 19.02
CA LEU B 405 -1.15 30.41 18.62
C LEU B 405 0.35 30.25 18.91
N LYS B 406 0.70 29.78 20.10
CA LYS B 406 2.09 29.78 20.59
C LYS B 406 2.38 28.42 21.21
N ALA B 407 3.58 27.92 20.98
CA ALA B 407 4.07 26.70 21.61
C ALA B 407 4.04 26.77 23.12
N LYS B 408 3.90 25.63 23.77
CA LYS B 408 3.80 25.61 25.24
C LYS B 408 4.71 24.53 25.81
N LYS B 409 5.65 24.95 26.63
CA LYS B 409 6.57 24.02 27.28
C LYS B 409 5.81 23.33 28.40
N THR B 410 5.93 22.01 28.48
CA THR B 410 5.22 21.26 29.49
C THR B 410 5.80 19.87 29.63
N LYS B 411 5.39 19.16 30.67
CA LYS B 411 5.84 17.79 30.89
C LYS B 411 5.19 16.87 29.84
N ILE B 412 6.04 16.19 29.07
CA ILE B 412 5.58 15.29 28.02
C ILE B 412 6.31 13.97 28.05
N ASP B 413 5.63 12.97 28.61
CA ASP B 413 6.14 11.62 28.73
C ASP B 413 5.41 10.64 27.83
N TYR B 414 4.15 10.87 27.56
CA TYR B 414 3.38 10.02 26.64
C TYR B 414 2.65 10.89 25.64
N VAL B 415 2.69 10.46 24.39
CA VAL B 415 2.04 11.17 23.31
C VAL B 415 1.18 10.22 22.48
N LEU B 416 0.01 10.72 22.09
CA LEU B 416 -0.90 10.08 21.14
C LEU B 416 -0.93 10.88 19.84
N SER B 417 -0.80 10.20 18.71
CA SER B 417 -0.91 10.87 17.39
C SER B 417 -1.93 10.15 16.51
N ASN B 418 -2.89 10.92 16.01
CA ASN B 418 -3.97 10.42 15.18
C ASN B 418 -3.83 10.75 13.69
N SER B 419 -4.32 9.82 12.88
CA SER B 419 -4.49 10.05 11.48
C SER B 419 -5.78 9.38 11.01
N PHE B 420 -6.57 10.12 10.19
CA PHE B 420 -7.77 9.54 9.60
C PHE B 420 -7.71 9.77 8.08
N GLY B 421 -8.34 8.88 7.32
CA GLY B 421 -8.33 9.06 5.89
C GLY B 421 -9.62 8.62 5.23
N PHE B 422 -9.74 9.04 3.96
CA PHE B 422 -10.80 8.64 3.08
C PHE B 422 -10.84 7.14 3.11
N GLY B 423 -12.04 6.60 2.91
CA GLY B 423 -12.29 5.18 3.08
C GLY B 423 -12.58 4.82 4.51
N GLY B 424 -12.69 5.83 5.37
CA GLY B 424 -12.87 5.65 6.81
C GLY B 424 -11.78 4.98 7.59
N THR B 425 -10.52 5.11 7.14
CA THR B 425 -9.45 4.36 7.70
C THR B 425 -8.79 5.18 8.79
N ASN B 426 -8.55 4.61 9.96
CA ASN B 426 -8.04 5.36 11.14
C ASN B 426 -6.82 4.70 11.73
N ALA B 427 -5.83 5.52 12.09
CA ALA B 427 -4.64 4.99 12.76
C ALA B 427 -4.22 5.92 13.88
N SER B 428 -3.92 5.33 15.03
CA SER B 428 -3.44 6.04 16.18
C SER B 428 -2.18 5.33 16.71
N LEU B 429 -1.22 6.14 17.11
CA LEU B 429 0.06 5.68 17.64
C LEU B 429 0.36 6.34 18.99
N VAL B 430 0.89 5.55 19.92
CA VAL B 430 1.33 6.03 21.24
C VAL B 430 2.84 5.82 21.41
N ILE B 431 3.50 6.90 21.80
CA ILE B 431 4.91 6.92 22.02
C ILE B 431 5.17 7.31 23.46
N LYS B 432 6.19 6.74 24.05
CA LYS B 432 6.55 7.12 25.39
C LYS B 432 8.04 7.49 25.49
N SER B 433 8.36 8.44 26.36
CA SER B 433 9.75 8.77 26.61
C SER B 433 10.42 7.62 27.38
N ILE B 434 11.70 7.46 27.17
CA ILE B 434 12.40 6.30 27.63
C ILE B 434 12.50 6.27 29.17
N LEU B 435 12.80 7.42 29.76
CA LEU B 435 13.10 7.48 31.20
C LEU B 435 11.92 7.38 32.17
N VAL B 436 10.74 7.78 31.71
CA VAL B 436 9.57 7.78 32.58
C VAL B 436 9.25 6.35 33.04
K K C . 2.48 -17.73 -7.91
C1 EDO D . -1.52 5.21 -6.88
O1 EDO D . -2.51 6.27 -6.79
C2 EDO D . -1.29 4.98 -8.34
O2 EDO D . -0.14 4.20 -8.60
NA NA E . 6.14 -33.96 -1.36
K K F . -1.35 13.47 14.06
#